data_7AHS
#
_entry.id   7AHS
#
_cell.length_a   85.203
_cell.length_b   87.336
_cell.length_c   161.583
_cell.angle_alpha   90.000
_cell.angle_beta   90.000
_cell.angle_gamma   90.000
#
_symmetry.space_group_name_H-M   'P 21 21 21'
#
loop_
_entity.id
_entity.type
_entity.pdbx_description
1 polymer 'Isoform 5 of Titin'
2 non-polymer 1,2-ETHANEDIOL
3 non-polymer 'SULFATE ION'
4 non-polymer GLYCEROL
5 water water
#
_entity_poly.entity_id   1
_entity_poly.type   'polypeptide(L)'
_entity_poly.pdbx_seq_one_letter_code
;GAMPVTLIKDIENQTVLKDNDAVFEIDIKINYPEIKLSWYKGTEKLEPSDKFEISIDGDRHTLRVKNCQLKDQGNYRLVC
GPHIASAKLTVIEPAWERHLQDVTLKEGQTCTMTCQFSVPNVKSEWFRNGRILKPQGRHKTEVEHKVHKLTIADVRAEDQ
GQYTCKYEDLETSAELRIEAEPIQFTKRIQNIVVSEHQSATFECEVSFDDAIVTWYKGPTELTESQKYNFRNDGRCHYMT
IHNVTPDDEGVYSVIARLEPRGEARSTAELYLT
;
_entity_poly.pdbx_strand_id   A,B,C,D
#
loop_
_chem_comp.id
_chem_comp.type
_chem_comp.name
_chem_comp.formula
EDO non-polymer 1,2-ETHANEDIOL 'C2 H6 O2'
GOL non-polymer GLYCEROL 'C3 H8 O3'
SO4 non-polymer 'SULFATE ION' 'O4 S -2'
#
# COMPACT_ATOMS: atom_id res chain seq x y z
N MET A 3 -52.63 -43.31 -22.94
CA MET A 3 -51.38 -42.88 -23.54
C MET A 3 -50.17 -43.56 -22.89
N PRO A 4 -49.15 -43.91 -23.69
CA PRO A 4 -47.99 -44.62 -23.14
C PRO A 4 -47.27 -43.88 -22.04
N VAL A 5 -47.16 -42.56 -22.13
CA VAL A 5 -46.49 -41.75 -21.11
C VAL A 5 -47.31 -40.52 -20.81
N THR A 6 -47.05 -39.93 -19.64
CA THR A 6 -47.68 -38.67 -19.23
C THR A 6 -46.59 -37.69 -18.82
N LEU A 7 -46.34 -36.67 -19.65
CA LEU A 7 -45.29 -35.69 -19.38
C LEU A 7 -45.78 -34.60 -18.42
N ILE A 8 -45.01 -34.32 -17.34
CA ILE A 8 -45.33 -33.24 -16.37
C ILE A 8 -44.32 -32.03 -16.40
N LYS A 9 -43.04 -32.23 -16.04
CA LYS A 9 -42.05 -31.34 -16.70
C LYS A 9 -41.08 -32.09 -17.56
N ASP A 10 -40.71 -31.40 -18.62
CA ASP A 10 -39.63 -31.70 -19.52
C ASP A 10 -38.32 -31.04 -19.06
N ILE A 11 -37.22 -31.46 -19.71
CA ILE A 11 -35.92 -30.90 -19.42
C ILE A 11 -35.89 -29.45 -19.88
N GLU A 12 -34.96 -28.70 -19.29
CA GLU A 12 -34.76 -27.30 -19.64
C GLU A 12 -33.28 -27.05 -19.87
N ASN A 13 -32.98 -25.98 -20.62
CA ASN A 13 -31.58 -25.62 -20.87
C ASN A 13 -30.87 -25.36 -19.55
N GLN A 14 -29.57 -25.65 -19.53
CA GLN A 14 -28.76 -25.47 -18.34
C GLN A 14 -27.57 -24.57 -18.69
N THR A 15 -27.35 -23.58 -17.84
CA THR A 15 -26.18 -22.72 -17.91
C THR A 15 -25.45 -22.81 -16.57
N VAL A 16 -24.23 -23.32 -16.59
CA VAL A 16 -23.50 -23.56 -15.35
C VAL A 16 -22.11 -22.95 -15.50
N LEU A 17 -21.50 -22.67 -14.36
CA LEU A 17 -20.11 -22.26 -14.34
C LEU A 17 -19.19 -23.47 -14.45
N LYS A 18 -18.07 -23.27 -15.14
CA LYS A 18 -17.09 -24.32 -15.34
C LYS A 18 -16.71 -24.98 -14.01
N ASP A 19 -16.53 -26.30 -14.06
CA ASP A 19 -16.16 -27.23 -12.99
C ASP A 19 -17.35 -27.55 -12.08
N ASN A 20 -18.51 -26.98 -12.32
CA ASN A 20 -19.71 -27.34 -11.58
C ASN A 20 -20.49 -28.41 -12.31
N ASP A 21 -21.44 -29.03 -11.62
CA ASP A 21 -22.28 -30.04 -12.22
C ASP A 21 -23.47 -29.38 -12.89
N ALA A 22 -23.97 -30.04 -13.94
CA ALA A 22 -25.23 -29.65 -14.55
C ALA A 22 -26.24 -30.78 -14.36
N VAL A 23 -27.51 -30.39 -14.21
CA VAL A 23 -28.58 -31.34 -13.93
C VAL A 23 -29.70 -31.11 -14.93
N PHE A 24 -29.95 -32.10 -15.77
CA PHE A 24 -31.12 -32.16 -16.64
C PHE A 24 -32.09 -33.12 -16.00
N GLU A 25 -33.30 -32.67 -15.73
CA GLU A 25 -34.27 -33.55 -15.11
C GLU A 25 -35.61 -33.40 -15.83
N ILE A 26 -36.25 -34.55 -16.05
CA ILE A 26 -37.57 -34.63 -16.64
C ILE A 26 -38.44 -35.44 -15.71
N ASP A 27 -39.63 -34.93 -15.43
CA ASP A 27 -40.65 -35.68 -14.71
C ASP A 27 -41.64 -36.23 -15.73
N ILE A 28 -41.72 -37.56 -15.80
CA ILE A 28 -42.52 -38.23 -16.81
C ILE A 28 -43.05 -39.53 -16.21
N LYS A 29 -44.36 -39.72 -16.27
CA LYS A 29 -44.98 -40.94 -15.79
C LYS A 29 -44.97 -41.96 -16.93
N ILE A 30 -44.22 -43.05 -16.73
CA ILE A 30 -44.18 -44.15 -17.70
C ILE A 30 -45.26 -45.15 -17.34
N ASN A 31 -46.19 -45.41 -18.28
CA ASN A 31 -47.38 -46.20 -18.01
C ASN A 31 -47.25 -47.67 -18.40
N TYR A 32 -46.21 -48.05 -19.12
CA TYR A 32 -46.00 -49.43 -19.51
C TYR A 32 -44.56 -49.83 -19.21
N PRO A 33 -44.35 -50.96 -18.55
CA PRO A 33 -43.00 -51.25 -18.00
C PRO A 33 -41.92 -51.42 -19.05
N GLU A 34 -42.26 -51.86 -20.26
CA GLU A 34 -41.25 -52.10 -21.27
C GLU A 34 -40.60 -50.82 -21.77
N ILE A 35 -41.23 -49.67 -21.54
CA ILE A 35 -40.74 -48.39 -22.05
C ILE A 35 -39.70 -47.85 -21.07
N LYS A 36 -38.52 -47.54 -21.58
CA LYS A 36 -37.47 -46.96 -20.75
C LYS A 36 -37.01 -45.64 -21.31
N LEU A 37 -36.60 -44.77 -20.41
CA LEU A 37 -36.03 -43.48 -20.80
C LEU A 37 -34.54 -43.71 -21.03
N SER A 38 -34.02 -43.08 -22.08
CA SER A 38 -32.60 -43.15 -22.35
C SER A 38 -32.09 -41.75 -22.62
N TRP A 39 -30.91 -41.44 -22.10
CA TRP A 39 -30.24 -40.16 -22.32
C TRP A 39 -29.21 -40.29 -23.44
N TYR A 40 -29.09 -39.24 -24.25
CA TYR A 40 -28.16 -39.24 -25.36
C TYR A 40 -27.41 -37.92 -25.42
N LYS A 41 -26.17 -37.99 -25.91
CA LYS A 41 -25.42 -36.83 -26.36
C LYS A 41 -25.03 -37.12 -27.80
N GLY A 42 -25.75 -36.53 -28.74
CA GLY A 42 -25.55 -36.94 -30.11
C GLY A 42 -25.97 -38.37 -30.32
N THR A 43 -25.04 -39.22 -30.76
CA THR A 43 -25.38 -40.62 -31.00
C THR A 43 -25.24 -41.52 -29.79
N GLU A 44 -24.47 -41.13 -28.77
CA GLU A 44 -24.23 -42.06 -27.68
C GLU A 44 -25.38 -42.07 -26.68
N LYS A 45 -25.93 -43.26 -26.45
CA LYS A 45 -26.76 -43.45 -25.28
C LYS A 45 -25.85 -43.35 -24.07
N LEU A 46 -26.17 -42.47 -23.14
CA LEU A 46 -25.28 -42.26 -22.01
C LEU A 46 -25.51 -43.34 -20.97
N GLU A 47 -24.42 -43.81 -20.37
CA GLU A 47 -24.45 -44.77 -19.29
C GLU A 47 -23.72 -44.19 -18.08
N PRO A 48 -24.09 -44.60 -16.88
CA PRO A 48 -23.42 -44.06 -15.69
C PRO A 48 -21.91 -44.24 -15.77
N SER A 49 -21.19 -43.17 -15.44
CA SER A 49 -19.75 -43.15 -15.50
C SER A 49 -19.25 -42.11 -14.51
N ASP A 50 -17.96 -41.80 -14.57
CA ASP A 50 -17.42 -40.75 -13.71
C ASP A 50 -17.93 -39.38 -14.11
N LYS A 51 -18.34 -39.23 -15.37
CA LYS A 51 -18.82 -37.96 -15.90
C LYS A 51 -20.34 -37.84 -15.87
N PHE A 52 -21.07 -38.95 -15.98
CA PHE A 52 -22.52 -38.91 -16.08
C PHE A 52 -23.15 -39.74 -14.98
N GLU A 53 -24.03 -39.11 -14.20
CA GLU A 53 -24.84 -39.79 -13.20
C GLU A 53 -26.29 -39.84 -13.68
N ILE A 54 -26.86 -41.04 -13.78
CA ILE A 54 -28.22 -41.23 -14.25
C ILE A 54 -29.01 -41.87 -13.12
N SER A 55 -30.14 -41.27 -12.77
CA SER A 55 -30.90 -41.69 -11.60
CA SER A 55 -30.91 -41.69 -11.60
C SER A 55 -32.40 -41.56 -11.90
N ILE A 56 -33.20 -42.29 -11.12
CA ILE A 56 -34.64 -42.33 -11.27
C ILE A 56 -35.28 -42.19 -9.89
N ASP A 57 -36.29 -41.33 -9.78
CA ASP A 57 -37.15 -41.25 -8.60
C ASP A 57 -38.60 -41.11 -9.04
N GLY A 58 -39.31 -42.22 -9.03
CA GLY A 58 -40.69 -42.19 -9.47
C GLY A 58 -40.76 -41.69 -10.89
N ASP A 59 -41.41 -40.55 -11.09
CA ASP A 59 -41.50 -39.98 -12.42
C ASP A 59 -40.27 -39.12 -12.77
N ARG A 60 -39.36 -38.87 -11.81
CA ARG A 60 -38.24 -37.95 -12.02
C ARG A 60 -37.00 -38.71 -12.50
N HIS A 61 -36.53 -38.37 -13.70
CA HIS A 61 -35.32 -38.95 -14.27
C HIS A 61 -34.28 -37.85 -14.38
N THR A 62 -33.07 -38.14 -13.92
CA THR A 62 -32.03 -37.12 -13.78
C THR A 62 -30.78 -37.53 -14.53
N LEU A 63 -30.27 -36.62 -15.36
CA LEU A 63 -28.94 -36.74 -15.93
C LEU A 63 -28.08 -35.64 -15.33
N ARG A 64 -27.08 -36.03 -14.57
CA ARG A 64 -26.13 -35.10 -13.98
C ARG A 64 -24.83 -35.21 -14.73
N VAL A 65 -24.39 -34.10 -15.29
CA VAL A 65 -23.10 -34.00 -15.96
C VAL A 65 -22.12 -33.42 -14.94
N LYS A 66 -21.06 -34.18 -14.65
CA LYS A 66 -20.15 -33.79 -13.58
C LYS A 66 -19.04 -32.88 -14.10
N ASN A 67 -18.66 -31.89 -13.31
CA ASN A 67 -17.46 -31.11 -13.54
C ASN A 67 -17.44 -30.51 -14.95
N CYS A 68 -18.47 -29.71 -15.25
CA CYS A 68 -18.72 -29.30 -16.62
C CYS A 68 -17.58 -28.44 -17.15
N GLN A 69 -17.13 -28.77 -18.35
CA GLN A 69 -16.10 -28.05 -19.06
C GLN A 69 -16.71 -27.42 -20.29
N LEU A 70 -16.02 -26.42 -20.84
CA LEU A 70 -16.48 -25.82 -22.08
C LEU A 70 -16.58 -26.87 -23.18
N LYS A 71 -15.73 -27.88 -23.14
CA LYS A 71 -15.80 -28.92 -24.16
C LYS A 71 -17.01 -29.83 -24.01
N ASP A 72 -17.71 -29.77 -22.87
CA ASP A 72 -18.93 -30.54 -22.67
C ASP A 72 -20.15 -29.83 -23.26
N GLN A 73 -19.99 -28.60 -23.74
CA GLN A 73 -21.14 -27.84 -24.22
C GLN A 73 -21.76 -28.55 -25.42
N GLY A 74 -23.07 -28.45 -25.54
CA GLY A 74 -23.77 -29.00 -26.68
C GLY A 74 -25.16 -29.46 -26.27
N ASN A 75 -25.73 -30.32 -27.12
CA ASN A 75 -27.10 -30.78 -26.96
C ASN A 75 -27.15 -32.10 -26.19
N TYR A 76 -28.02 -32.15 -25.19
CA TYR A 76 -28.32 -33.37 -24.47
C TYR A 76 -29.80 -33.68 -24.66
N ARG A 77 -30.12 -34.95 -24.87
CA ARG A 77 -31.46 -35.31 -25.29
C ARG A 77 -31.85 -36.63 -24.67
N LEU A 78 -33.14 -36.95 -24.75
CA LEU A 78 -33.67 -38.18 -24.19
C LEU A 78 -34.74 -38.75 -25.11
N VAL A 79 -34.96 -40.07 -25.02
CA VAL A 79 -36.10 -40.72 -25.66
C VAL A 79 -36.79 -41.55 -24.60
N CYS A 80 -38.11 -41.41 -24.51
CA CYS A 80 -38.90 -42.18 -23.55
C CYS A 80 -40.20 -42.52 -24.27
N GLY A 81 -40.25 -43.71 -24.88
CA GLY A 81 -41.37 -44.09 -25.71
C GLY A 81 -41.54 -43.11 -26.85
N PRO A 82 -42.75 -42.54 -26.98
CA PRO A 82 -42.99 -41.56 -28.05
C PRO A 82 -42.42 -40.20 -27.76
N HIS A 83 -42.08 -39.89 -26.52
CA HIS A 83 -41.63 -38.57 -26.16
C HIS A 83 -40.13 -38.48 -26.37
N ILE A 84 -39.70 -37.44 -27.07
CA ILE A 84 -38.29 -37.12 -27.20
C ILE A 84 -38.13 -35.65 -26.84
N ALA A 85 -36.95 -35.30 -26.35
CA ALA A 85 -36.68 -33.92 -25.97
C ALA A 85 -35.18 -33.71 -25.97
N SER A 86 -34.78 -32.50 -26.31
CA SER A 86 -33.37 -32.16 -26.31
C SER A 86 -33.19 -30.85 -25.56
N ALA A 87 -32.02 -30.67 -24.97
CA ALA A 87 -31.76 -29.46 -24.21
C ALA A 87 -30.28 -29.14 -24.32
N LYS A 88 -29.93 -27.90 -24.03
CA LYS A 88 -28.59 -27.38 -24.30
C LYS A 88 -27.83 -27.11 -23.01
N LEU A 89 -26.55 -27.48 -23.01
CA LEU A 89 -25.65 -27.18 -21.90
C LEU A 89 -24.71 -26.05 -22.29
N THR A 90 -24.76 -24.96 -21.52
CA THR A 90 -23.85 -23.84 -21.65
C THR A 90 -22.96 -23.78 -20.42
N VAL A 91 -21.66 -23.59 -20.63
CA VAL A 91 -20.69 -23.58 -19.56
C VAL A 91 -19.88 -22.28 -19.67
N ILE A 92 -19.77 -21.54 -18.57
CA ILE A 92 -19.13 -20.23 -18.54
C ILE A 92 -17.81 -20.37 -17.79
N GLU A 93 -16.73 -20.02 -18.45
CA GLU A 93 -15.46 -19.97 -17.73
C GLU A 93 -15.26 -18.57 -17.15
N PRO A 94 -14.99 -18.44 -15.85
CA PRO A 94 -14.70 -17.11 -15.30
C PRO A 94 -13.46 -16.54 -15.96
N ALA A 95 -13.58 -15.31 -16.46
CA ALA A 95 -12.49 -14.66 -17.20
C ALA A 95 -12.82 -13.18 -17.29
N TRP A 96 -11.78 -12.36 -17.46
CA TRP A 96 -11.99 -10.93 -17.67
C TRP A 96 -12.39 -10.73 -19.13
N GLU A 97 -13.63 -10.26 -19.34
CA GLU A 97 -14.14 -10.08 -20.70
C GLU A 97 -13.61 -8.80 -21.34
N ARG A 98 -13.58 -7.69 -20.62
CA ARG A 98 -12.87 -6.54 -21.13
C ARG A 98 -11.87 -6.08 -20.07
N HIS A 99 -10.66 -5.75 -20.50
CA HIS A 99 -9.55 -5.57 -19.57
C HIS A 99 -9.42 -4.13 -19.13
N LEU A 100 -8.79 -3.95 -17.97
CA LEU A 100 -8.37 -2.62 -17.55
C LEU A 100 -7.53 -1.97 -18.65
N GLN A 101 -7.77 -0.68 -18.90
CA GLN A 101 -7.02 0.12 -19.88
C GLN A 101 -6.30 1.27 -19.20
N ASP A 102 -5.16 1.68 -19.79
CA ASP A 102 -4.47 2.85 -19.25
C ASP A 102 -5.39 4.06 -19.30
N VAL A 103 -5.25 4.94 -18.30
CA VAL A 103 -5.97 6.21 -18.32
C VAL A 103 -5.00 7.31 -17.92
N THR A 104 -5.12 8.47 -18.56
CA THR A 104 -4.33 9.65 -18.28
C THR A 104 -5.25 10.80 -17.91
N LEU A 105 -4.97 11.46 -16.79
CA LEU A 105 -5.84 12.51 -16.30
C LEU A 105 -5.01 13.71 -15.88
N LYS A 106 -5.68 14.88 -15.81
CA LYS A 106 -5.10 16.06 -15.21
C LYS A 106 -5.31 15.98 -13.71
N GLU A 107 -4.32 16.48 -12.95
CA GLU A 107 -4.47 16.49 -11.50
C GLU A 107 -5.76 17.21 -11.11
N GLY A 108 -6.41 16.70 -10.07
CA GLY A 108 -7.68 17.23 -9.62
C GLY A 108 -8.91 16.53 -10.18
N GLN A 109 -8.77 15.81 -11.30
CA GLN A 109 -9.89 15.07 -11.87
C GLN A 109 -10.25 13.86 -11.03
N THR A 110 -11.42 13.32 -11.30
CA THR A 110 -11.84 12.07 -10.71
C THR A 110 -11.46 10.94 -11.65
N CYS A 111 -10.77 9.95 -11.12
CA CYS A 111 -10.37 8.79 -11.89
C CYS A 111 -11.43 7.70 -11.80
N THR A 112 -11.83 7.16 -12.97
CA THR A 112 -12.69 5.98 -13.03
C THR A 112 -12.04 4.94 -13.92
N MET A 113 -11.70 3.78 -13.36
CA MET A 113 -11.16 2.66 -14.13
C MET A 113 -12.06 1.44 -13.98
N THR A 114 -12.47 0.84 -15.10
CA THR A 114 -13.39 -0.28 -15.03
C THR A 114 -12.87 -1.46 -15.83
N CYS A 115 -13.25 -2.65 -15.39
CA CYS A 115 -13.06 -3.87 -16.17
C CYS A 115 -14.32 -4.69 -16.00
N GLN A 116 -14.48 -5.70 -16.86
CA GLN A 116 -15.71 -6.48 -16.92
C GLN A 116 -15.37 -7.96 -16.84
N PHE A 117 -15.93 -8.64 -15.86
CA PHE A 117 -15.79 -10.07 -15.63
C PHE A 117 -16.95 -10.84 -16.26
N SER A 118 -16.72 -12.11 -16.60
CA SER A 118 -17.72 -12.95 -17.26
C SER A 118 -18.83 -13.44 -16.31
N VAL A 119 -18.63 -13.33 -15.00
CA VAL A 119 -19.59 -13.78 -14.00
C VAL A 119 -19.97 -12.57 -13.17
N PRO A 120 -21.26 -12.27 -13.00
CA PRO A 120 -21.61 -11.08 -12.24
C PRO A 120 -21.40 -11.30 -10.74
N ASN A 121 -21.21 -10.18 -10.04
CA ASN A 121 -21.27 -10.11 -8.59
C ASN A 121 -20.16 -10.87 -7.90
N VAL A 122 -19.06 -11.10 -8.60
CA VAL A 122 -17.96 -11.81 -7.97
C VAL A 122 -17.19 -10.83 -7.08
N LYS A 123 -16.43 -11.40 -6.15
CA LYS A 123 -15.63 -10.61 -5.23
C LYS A 123 -14.22 -10.57 -5.79
N SER A 124 -13.67 -9.39 -5.87
CA SER A 124 -12.38 -9.14 -6.50
C SER A 124 -11.62 -8.25 -5.54
N GLU A 125 -10.31 -8.17 -5.74
CA GLU A 125 -9.45 -7.30 -4.96
C GLU A 125 -8.67 -6.40 -5.91
N TRP A 126 -8.48 -5.16 -5.50
CA TRP A 126 -7.71 -4.18 -6.26
C TRP A 126 -6.34 -3.98 -5.61
N PHE A 127 -5.35 -3.64 -6.42
CA PHE A 127 -3.98 -3.40 -5.98
C PHE A 127 -3.46 -2.12 -6.61
N ARG A 128 -2.70 -1.35 -5.84
CA ARG A 128 -1.94 -0.21 -6.36
C ARG A 128 -0.46 -0.53 -6.22
N ASN A 129 0.29 -0.49 -7.32
CA ASN A 129 1.72 -0.79 -7.32
C ASN A 129 2.00 -2.10 -6.60
N GLY A 130 1.17 -3.10 -6.86
CA GLY A 130 1.39 -4.41 -6.29
C GLY A 130 0.89 -4.58 -4.87
N ARG A 131 0.50 -3.51 -4.20
CA ARG A 131 -0.01 -3.60 -2.84
C ARG A 131 -1.53 -3.49 -2.83
N ILE A 132 -2.16 -4.33 -2.01
CA ILE A 132 -3.61 -4.37 -1.99
C ILE A 132 -4.16 -3.01 -1.61
N LEU A 133 -5.24 -2.62 -2.28
CA LEU A 133 -5.90 -1.35 -2.05
C LEU A 133 -7.12 -1.55 -1.17
N LYS A 134 -7.21 -0.75 -0.12
CA LYS A 134 -8.39 -0.69 0.71
C LYS A 134 -9.28 0.45 0.23
N PRO A 135 -10.58 0.22 0.18
CA PRO A 135 -11.52 1.31 -0.10
C PRO A 135 -11.63 2.34 1.03
N GLN A 136 -10.67 3.26 1.11
CA GLN A 136 -10.64 4.30 2.12
C GLN A 136 -10.65 5.68 1.48
N GLY A 137 -11.27 6.64 2.15
CA GLY A 137 -11.10 8.04 1.83
C GLY A 137 -11.38 8.39 0.38
N ARG A 138 -10.31 8.65 -0.36
CA ARG A 138 -10.45 9.06 -1.75
C ARG A 138 -10.73 7.87 -2.67
N HIS A 139 -10.31 6.67 -2.30
CA HIS A 139 -10.47 5.49 -3.16
C HIS A 139 -11.74 4.73 -2.83
N LYS A 140 -12.51 4.41 -3.86
CA LYS A 140 -13.71 3.59 -3.73
C LYS A 140 -13.70 2.52 -4.80
N THR A 141 -14.06 1.30 -4.41
CA THR A 141 -14.16 0.16 -5.32
C THR A 141 -15.55 -0.42 -5.23
N GLU A 142 -16.13 -0.79 -6.37
CA GLU A 142 -17.47 -1.33 -6.39
C GLU A 142 -17.58 -2.36 -7.50
N VAL A 143 -18.61 -3.18 -7.37
CA VAL A 143 -18.98 -4.21 -8.34
C VAL A 143 -20.44 -3.98 -8.70
N GLU A 144 -20.70 -3.82 -9.99
CA GLU A 144 -22.05 -3.60 -10.50
C GLU A 144 -22.32 -4.67 -11.55
N HIS A 145 -22.95 -5.76 -11.12
CA HIS A 145 -23.16 -6.92 -12.00
C HIS A 145 -21.79 -7.42 -12.44
N LYS A 146 -21.48 -7.30 -13.74
CA LYS A 146 -20.20 -7.77 -14.25
C LYS A 146 -19.11 -6.71 -14.19
N VAL A 147 -19.46 -5.45 -13.93
CA VAL A 147 -18.51 -4.34 -14.05
C VAL A 147 -17.85 -4.10 -12.72
N HIS A 148 -16.53 -4.08 -12.73
CA HIS A 148 -15.71 -3.77 -11.57
C HIS A 148 -15.08 -2.41 -11.78
N LYS A 149 -15.22 -1.53 -10.78
CA LYS A 149 -14.90 -0.14 -10.99
C LYS A 149 -14.11 0.41 -9.81
N LEU A 150 -12.99 1.06 -10.13
CA LEU A 150 -12.22 1.79 -9.14
C LEU A 150 -12.38 3.28 -9.39
N THR A 151 -12.70 4.03 -8.34
CA THR A 151 -12.86 5.47 -8.39
C THR A 151 -11.87 6.13 -7.44
N ILE A 152 -11.08 7.08 -7.95
CA ILE A 152 -10.19 7.90 -7.11
C ILE A 152 -10.55 9.37 -7.33
N ALA A 153 -11.05 10.01 -6.28
CA ALA A 153 -11.36 11.43 -6.37
C ALA A 153 -10.11 12.29 -6.23
N ASP A 154 -10.12 13.44 -6.91
CA ASP A 154 -9.11 14.50 -6.78
C ASP A 154 -7.69 13.93 -6.93
N VAL A 155 -7.42 13.39 -8.12
CA VAL A 155 -6.15 12.69 -8.34
C VAL A 155 -4.99 13.69 -8.25
N ARG A 156 -3.88 13.20 -7.74
CA ARG A 156 -2.64 13.93 -7.63
C ARG A 156 -1.55 13.06 -8.20
N ALA A 157 -0.39 13.66 -8.44
CA ALA A 157 0.70 12.94 -9.09
C ALA A 157 1.03 11.65 -8.36
N GLU A 158 0.91 11.63 -7.04
CA GLU A 158 1.24 10.45 -6.27
C GLU A 158 0.35 9.26 -6.58
N ASP A 159 -0.80 9.48 -7.23
CA ASP A 159 -1.69 8.38 -7.60
C ASP A 159 -1.24 7.64 -8.86
N GLN A 160 -0.28 8.18 -9.62
CA GLN A 160 0.19 7.51 -10.83
C GLN A 160 0.83 6.17 -10.49
N GLY A 161 0.52 5.14 -11.27
CA GLY A 161 1.07 3.83 -11.00
C GLY A 161 0.19 2.73 -11.59
N GLN A 162 0.47 1.51 -11.13
CA GLN A 162 -0.17 0.31 -11.68
C GLN A 162 -1.39 -0.04 -10.85
N TYR A 163 -2.53 -0.19 -11.53
CA TYR A 163 -3.76 -0.60 -10.86
C TYR A 163 -4.19 -1.94 -11.44
N THR A 164 -4.50 -2.86 -10.55
CA THR A 164 -4.76 -4.26 -10.88
C THR A 164 -6.01 -4.73 -10.17
N CYS A 165 -6.87 -5.43 -10.89
CA CYS A 165 -8.05 -6.09 -10.36
C CYS A 165 -7.90 -7.59 -10.49
N LYS A 166 -8.18 -8.32 -9.43
CA LYS A 166 -7.87 -9.73 -9.39
C LYS A 166 -9.07 -10.52 -8.87
N TYR A 167 -9.44 -11.57 -9.59
CA TYR A 167 -10.39 -12.57 -9.12
C TYR A 167 -9.67 -13.91 -9.12
N GLU A 168 -9.61 -14.53 -7.94
CA GLU A 168 -8.88 -15.77 -7.76
C GLU A 168 -7.47 -15.56 -8.28
N ASP A 169 -7.12 -16.22 -9.37
CA ASP A 169 -5.78 -16.06 -9.93
C ASP A 169 -5.80 -15.33 -11.26
N LEU A 170 -6.92 -14.71 -11.60
CA LEU A 170 -7.07 -14.05 -12.89
C LEU A 170 -6.93 -12.54 -12.66
N GLU A 171 -5.91 -11.94 -13.25
CA GLU A 171 -5.62 -10.53 -13.07
C GLU A 171 -5.88 -9.75 -14.36
N THR A 172 -6.32 -8.51 -14.20
CA THR A 172 -6.24 -7.53 -15.26
C THR A 172 -5.59 -6.27 -14.69
N SER A 173 -4.78 -5.59 -15.49
CA SER A 173 -3.94 -4.52 -14.95
C SER A 173 -3.68 -3.46 -16.01
N ALA A 174 -3.46 -2.22 -15.55
CA ALA A 174 -3.17 -1.09 -16.42
C ALA A 174 -2.58 0.03 -15.56
N GLU A 175 -2.14 1.09 -16.22
CA GLU A 175 -1.45 2.20 -15.56
C GLU A 175 -2.32 3.45 -15.55
N LEU A 176 -2.37 4.11 -14.39
CA LEU A 176 -2.96 5.45 -14.27
C LEU A 176 -1.82 6.46 -14.31
N ARG A 177 -1.90 7.41 -15.23
CA ARG A 177 -0.90 8.48 -15.34
C ARG A 177 -1.54 9.84 -15.08
N ILE A 178 -0.85 10.69 -14.32
CA ILE A 178 -1.40 11.96 -13.87
C ILE A 178 -0.52 13.08 -14.39
N GLU A 179 -1.13 14.04 -15.06
CA GLU A 179 -0.47 15.24 -15.57
C GLU A 179 -0.62 16.41 -14.60
N ALA A 180 0.48 16.83 -14.00
CA ALA A 180 0.45 17.92 -13.03
C ALA A 180 0.16 19.25 -13.71
N GLU A 181 -0.42 20.16 -12.97
CA GLU A 181 -0.63 21.51 -13.48
C GLU A 181 0.72 22.14 -13.84
N PRO A 182 0.85 22.72 -15.03
CA PRO A 182 2.16 23.28 -15.43
C PRO A 182 2.51 24.53 -14.65
N ILE A 183 3.81 24.71 -14.41
CA ILE A 183 4.26 25.90 -13.73
C ILE A 183 4.10 27.09 -14.67
N GLN A 184 3.70 28.24 -14.12
CA GLN A 184 3.58 29.46 -14.90
C GLN A 184 4.19 30.61 -14.13
N PHE A 185 4.47 31.67 -14.86
CA PHE A 185 4.86 32.93 -14.25
C PHE A 185 3.60 33.70 -13.87
N THR A 186 3.42 33.92 -12.57
CA THR A 186 2.34 34.80 -12.11
C THR A 186 2.73 36.27 -12.18
N LYS A 187 4.03 36.58 -12.25
CA LYS A 187 4.57 37.93 -12.42
C LYS A 187 5.80 37.79 -13.28
N ARG A 188 5.72 38.27 -14.52
CA ARG A 188 6.83 38.16 -15.45
C ARG A 188 7.86 39.24 -15.12
N ILE A 189 9.11 38.98 -15.51
CA ILE A 189 10.10 40.05 -15.39
C ILE A 189 9.77 41.10 -16.41
N GLN A 190 10.05 42.35 -16.06
CA GLN A 190 9.72 43.50 -16.85
C GLN A 190 10.95 44.40 -16.98
N ASN A 191 10.91 45.26 -17.97
CA ASN A 191 12.06 46.12 -18.27
C ASN A 191 12.45 46.95 -17.05
N ILE A 192 13.73 47.32 -16.96
CA ILE A 192 14.27 48.06 -15.82
C ILE A 192 15.18 49.16 -16.35
N VAL A 193 15.07 50.34 -15.74
CA VAL A 193 15.97 51.45 -16.02
C VAL A 193 16.67 51.86 -14.74
N VAL A 194 18.01 51.96 -14.78
CA VAL A 194 18.81 52.45 -13.67
C VAL A 194 19.80 53.48 -14.19
N SER A 195 20.43 54.20 -13.27
CA SER A 195 21.52 55.08 -13.63
C SER A 195 22.84 54.32 -13.54
N GLU A 196 23.81 54.76 -14.34
CA GLU A 196 25.06 54.03 -14.42
C GLU A 196 25.70 53.86 -13.06
N HIS A 197 26.17 52.65 -12.78
CA HIS A 197 26.82 52.17 -11.58
C HIS A 197 25.84 51.80 -10.49
N GLN A 198 24.55 52.11 -10.62
CA GLN A 198 23.57 51.58 -9.69
C GLN A 198 23.35 50.09 -9.96
N SER A 199 22.74 49.43 -8.99
CA SER A 199 22.33 48.05 -9.14
C SER A 199 20.95 48.02 -9.78
N ALA A 200 20.64 46.89 -10.41
CA ALA A 200 19.35 46.66 -11.06
C ALA A 200 18.88 45.29 -10.63
N THR A 201 17.63 45.19 -10.18
CA THR A 201 17.11 43.93 -9.66
C THR A 201 15.89 43.53 -10.47
N PHE A 202 16.02 42.44 -11.23
CA PHE A 202 14.86 41.81 -11.82
C PHE A 202 14.18 40.96 -10.78
N GLU A 203 12.85 40.88 -10.86
CA GLU A 203 12.07 40.08 -9.92
C GLU A 203 10.92 39.41 -10.67
N CYS A 204 10.58 38.20 -10.23
CA CYS A 204 9.49 37.48 -10.86
C CYS A 204 8.87 36.57 -9.80
N GLU A 205 7.72 36.01 -10.17
CA GLU A 205 6.97 35.13 -9.30
C GLU A 205 6.41 34.01 -10.15
N VAL A 206 6.48 32.78 -9.65
CA VAL A 206 5.92 31.64 -10.34
C VAL A 206 4.80 31.05 -9.49
N SER A 207 4.01 30.16 -10.12
CA SER A 207 2.78 29.70 -9.48
C SER A 207 3.02 28.65 -8.41
N PHE A 208 4.25 28.14 -8.26
CA PHE A 208 4.55 27.12 -7.26
C PHE A 208 5.87 27.47 -6.57
N ASP A 209 6.00 26.98 -5.33
CA ASP A 209 7.21 27.18 -4.55
C ASP A 209 8.36 26.29 -5.05
N ASP A 210 9.58 26.73 -4.73
CA ASP A 210 10.82 25.96 -4.90
C ASP A 210 11.08 25.56 -6.34
N ALA A 211 10.67 26.43 -7.25
CA ALA A 211 11.06 26.28 -8.63
C ALA A 211 12.55 26.57 -8.75
N ILE A 212 13.21 25.89 -9.68
CA ILE A 212 14.61 26.15 -10.01
C ILE A 212 14.67 27.15 -11.15
N VAL A 213 15.43 28.24 -10.97
CA VAL A 213 15.48 29.28 -11.99
C VAL A 213 16.89 29.37 -12.55
N THR A 214 16.96 29.68 -13.83
CA THR A 214 18.21 29.94 -14.50
C THR A 214 18.06 31.27 -15.21
N TRP A 215 19.04 32.14 -15.03
CA TRP A 215 18.98 33.48 -15.58
C TRP A 215 19.98 33.62 -16.72
N TYR A 216 19.62 34.45 -17.70
CA TYR A 216 20.41 34.64 -18.91
C TYR A 216 20.55 36.12 -19.25
N LYS A 217 21.68 36.50 -19.81
CA LYS A 217 21.80 37.71 -20.60
C LYS A 217 22.03 37.28 -22.03
N GLY A 218 21.10 37.64 -22.92
CA GLY A 218 21.13 37.11 -24.26
C GLY A 218 21.10 35.59 -24.18
N PRO A 219 22.00 34.93 -24.90
CA PRO A 219 22.02 33.46 -24.88
C PRO A 219 22.85 32.85 -23.75
N THR A 220 23.43 33.67 -22.89
CA THR A 220 24.46 33.24 -21.96
C THR A 220 23.90 33.02 -20.57
N GLU A 221 24.07 31.82 -20.02
CA GLU A 221 23.68 31.57 -18.63
C GLU A 221 24.57 32.37 -17.68
N LEU A 222 23.94 33.06 -16.72
CA LEU A 222 24.64 33.83 -15.71
C LEU A 222 24.76 33.03 -14.41
N THR A 223 25.92 33.11 -13.76
CA THR A 223 26.08 32.44 -12.47
C THR A 223 26.35 33.45 -11.38
N GLU A 224 26.08 33.03 -10.15
CA GLU A 224 26.28 33.86 -8.96
C GLU A 224 27.73 34.37 -8.92
N SER A 225 27.88 35.67 -8.66
CA SER A 225 29.23 36.26 -8.63
C SER A 225 29.12 37.57 -7.86
N GLN A 226 30.22 38.34 -7.84
CA GLN A 226 30.14 39.71 -7.34
C GLN A 226 29.19 40.56 -8.17
N LYS A 227 29.08 40.25 -9.48
CA LYS A 227 28.27 41.02 -10.41
C LYS A 227 26.79 40.66 -10.33
N TYR A 228 26.47 39.36 -10.24
CA TYR A 228 25.09 38.88 -10.25
C TYR A 228 24.79 38.18 -8.93
N ASN A 229 23.79 38.69 -8.22
CA ASN A 229 23.32 38.05 -7.00
C ASN A 229 21.92 37.51 -7.25
N PHE A 230 21.65 36.33 -6.74
CA PHE A 230 20.40 35.64 -7.00
C PHE A 230 19.74 35.39 -5.67
N ARG A 231 18.42 35.56 -5.63
CA ARG A 231 17.71 35.24 -4.41
C ARG A 231 16.44 34.49 -4.79
N ASN A 232 16.10 33.46 -4.03
CA ASN A 232 14.87 32.69 -4.24
C ASN A 232 14.16 32.53 -2.91
N ASP A 233 12.87 32.84 -2.87
CA ASP A 233 12.13 32.77 -1.62
C ASP A 233 10.69 32.37 -1.94
N GLY A 234 10.38 31.09 -1.74
CA GLY A 234 9.07 30.56 -2.03
C GLY A 234 8.77 30.62 -3.52
N ARG A 235 7.83 31.49 -3.92
CA ARG A 235 7.46 31.65 -5.32
C ARG A 235 8.20 32.79 -6.01
N CYS A 236 8.95 33.59 -5.25
CA CYS A 236 9.64 34.75 -5.79
C CYS A 236 11.10 34.44 -6.12
N HIS A 237 11.59 35.06 -7.18
CA HIS A 237 12.97 34.88 -7.60
C HIS A 237 13.51 36.20 -8.11
N TYR A 238 14.76 36.47 -7.78
CA TYR A 238 15.32 37.79 -8.06
C TYR A 238 16.74 37.63 -8.56
N MET A 239 17.14 38.55 -9.44
CA MET A 239 18.52 38.72 -9.85
C MET A 239 18.85 40.20 -9.78
N THR A 240 19.95 40.49 -9.10
CA THR A 240 20.48 41.85 -8.96
C THR A 240 21.77 41.95 -9.75
N ILE A 241 21.86 42.93 -10.62
CA ILE A 241 23.08 43.20 -11.37
C ILE A 241 23.77 44.40 -10.75
N HIS A 242 24.96 44.20 -10.21
CA HIS A 242 25.64 45.32 -9.59
C HIS A 242 26.36 46.16 -10.65
N ASN A 243 26.55 47.43 -10.32
CA ASN A 243 27.37 48.37 -11.07
C ASN A 243 27.05 48.28 -12.56
N VAL A 244 25.82 48.70 -12.89
CA VAL A 244 25.35 48.58 -14.26
C VAL A 244 26.08 49.59 -15.13
N THR A 245 26.69 49.10 -16.19
CA THR A 245 27.40 49.91 -17.17
C THR A 245 26.83 49.55 -18.54
N PRO A 246 27.17 50.32 -19.59
CA PRO A 246 26.55 50.07 -20.90
C PRO A 246 26.65 48.65 -21.41
N ASP A 247 27.74 47.95 -21.08
CA ASP A 247 27.88 46.56 -21.50
C ASP A 247 26.80 45.67 -20.89
N ASP A 248 26.21 46.10 -19.77
CA ASP A 248 25.17 45.33 -19.12
C ASP A 248 23.80 45.55 -19.75
N GLU A 249 23.66 46.51 -20.66
CA GLU A 249 22.37 46.76 -21.27
C GLU A 249 22.03 45.66 -22.27
N GLY A 250 20.73 45.39 -22.41
CA GLY A 250 20.20 44.46 -23.39
C GLY A 250 19.19 43.52 -22.77
N VAL A 251 18.89 42.46 -23.52
CA VAL A 251 17.83 41.53 -23.18
C VAL A 251 18.33 40.53 -22.15
N TYR A 252 17.53 40.28 -21.12
CA TYR A 252 17.79 39.24 -20.13
C TYR A 252 16.60 38.30 -20.08
N SER A 253 16.81 37.08 -19.64
CA SER A 253 15.69 36.13 -19.53
C SER A 253 15.87 35.28 -18.30
N VAL A 254 14.77 34.69 -17.84
CA VAL A 254 14.79 33.71 -16.76
C VAL A 254 13.95 32.50 -17.15
N ILE A 255 14.45 31.30 -16.84
CA ILE A 255 13.71 30.05 -17.08
C ILE A 255 13.46 29.39 -15.73
N ALA A 256 12.18 29.14 -15.42
CA ALA A 256 11.76 28.51 -14.17
C ALA A 256 11.34 27.08 -14.46
N ARG A 257 11.84 26.16 -13.66
CA ARG A 257 11.64 24.72 -13.82
C ARG A 257 11.15 24.15 -12.49
N LEU A 258 10.16 23.26 -12.55
CA LEU A 258 9.72 22.57 -11.34
C LEU A 258 9.14 21.25 -11.79
N GLU A 259 9.85 20.15 -11.48
CA GLU A 259 9.40 18.83 -11.86
C GLU A 259 8.20 18.45 -11.00
N PRO A 260 7.16 17.78 -11.57
CA PRO A 260 6.92 17.43 -12.98
C PRO A 260 5.98 18.41 -13.64
N ARG A 261 6.21 19.70 -13.45
CA ARG A 261 5.33 20.73 -13.95
C ARG A 261 5.96 21.49 -15.11
N GLY A 262 6.96 20.91 -15.77
CA GLY A 262 7.56 21.55 -16.93
C GLY A 262 8.44 22.75 -16.58
N GLU A 263 8.42 23.74 -17.47
CA GLU A 263 9.25 24.91 -17.26
C GLU A 263 8.61 26.05 -18.01
N ALA A 264 9.00 27.27 -17.63
CA ALA A 264 8.45 28.48 -18.25
C ALA A 264 9.54 29.54 -18.38
N ARG A 265 9.34 30.46 -19.32
CA ARG A 265 10.36 31.44 -19.64
C ARG A 265 9.75 32.85 -19.68
N SER A 266 10.48 33.81 -19.12
CA SER A 266 10.10 35.22 -19.13
C SER A 266 11.29 36.06 -19.56
N THR A 267 11.03 37.13 -20.31
CA THR A 267 12.08 37.96 -20.90
C THR A 267 11.82 39.42 -20.59
N ALA A 268 12.91 40.17 -20.40
CA ALA A 268 12.83 41.62 -20.23
C ALA A 268 14.14 42.24 -20.68
N GLU A 269 14.21 43.57 -20.65
CA GLU A 269 15.36 44.31 -21.14
C GLU A 269 15.83 45.28 -20.06
N LEU A 270 17.15 45.51 -19.99
CA LEU A 270 17.76 46.43 -19.02
C LEU A 270 18.31 47.64 -19.76
N TYR A 271 17.99 48.85 -19.26
CA TYR A 271 18.39 50.11 -19.87
C TYR A 271 19.09 51.04 -18.89
N LEU A 272 19.99 51.86 -19.42
CA LEU A 272 20.57 52.98 -18.66
C LEU A 272 19.81 54.25 -19.02
N THR A 273 19.79 55.20 -18.09
CA THR A 273 19.21 56.51 -18.35
C THR A 273 19.98 57.29 -19.42
N ALA B 2 39.52 9.70 -14.12
CA ALA B 2 38.55 8.79 -14.71
C ALA B 2 37.13 9.35 -14.66
N MET B 3 36.30 8.90 -15.59
CA MET B 3 34.90 9.27 -15.56
C MET B 3 34.21 8.68 -14.34
N PRO B 4 33.12 9.31 -13.86
CA PRO B 4 32.50 8.82 -12.62
C PRO B 4 32.10 7.36 -12.67
N VAL B 5 31.55 6.90 -13.79
CA VAL B 5 31.18 5.49 -13.94
C VAL B 5 31.56 5.03 -15.34
N THR B 6 31.66 3.72 -15.49
CA THR B 6 31.92 3.10 -16.78
C THR B 6 30.83 2.07 -17.02
N LEU B 7 29.95 2.36 -17.97
CA LEU B 7 28.83 1.48 -18.25
C LEU B 7 29.30 0.32 -19.12
N ILE B 8 29.00 -0.89 -18.70
CA ILE B 8 29.37 -2.04 -19.52
C ILE B 8 28.14 -2.49 -20.28
N LYS B 9 27.06 -2.79 -19.56
CA LYS B 9 25.79 -3.12 -20.17
C LYS B 9 24.64 -2.63 -19.32
N ASP B 10 23.72 -1.90 -19.94
CA ASP B 10 22.61 -1.27 -19.24
C ASP B 10 21.47 -2.28 -19.05
N ILE B 11 20.51 -1.91 -18.22
CA ILE B 11 19.33 -2.76 -18.02
C ILE B 11 18.50 -2.78 -19.29
N GLU B 12 17.65 -3.80 -19.42
CA GLU B 12 16.74 -3.93 -20.55
C GLU B 12 15.33 -4.22 -20.03
N ASN B 13 14.34 -3.96 -20.89
CA ASN B 13 12.96 -4.30 -20.54
C ASN B 13 12.84 -5.80 -20.27
N GLN B 14 11.93 -6.16 -19.38
CA GLN B 14 11.70 -7.56 -19.03
C GLN B 14 10.25 -7.90 -19.32
N THR B 15 10.04 -8.90 -20.16
CA THR B 15 8.72 -9.46 -20.41
C THR B 15 8.78 -10.93 -20.05
N VAL B 16 8.06 -11.31 -19.01
CA VAL B 16 8.15 -12.65 -18.44
C VAL B 16 6.76 -13.25 -18.32
N LEU B 17 6.72 -14.58 -18.23
CA LEU B 17 5.45 -15.25 -17.97
C LEU B 17 5.13 -15.17 -16.48
N LYS B 18 3.84 -15.03 -16.19
CA LYS B 18 3.36 -14.97 -14.82
C LYS B 18 3.94 -16.13 -14.02
N ASP B 19 4.27 -15.85 -12.76
CA ASP B 19 4.82 -16.80 -11.80
C ASP B 19 6.29 -17.11 -12.06
N ASN B 20 6.93 -16.51 -13.07
CA ASN B 20 8.37 -16.61 -13.23
C ASN B 20 9.04 -15.36 -12.65
N ASP B 21 10.36 -15.43 -12.50
CA ASP B 21 11.12 -14.29 -12.01
C ASP B 21 11.45 -13.34 -13.13
N ALA B 22 11.64 -12.07 -12.79
CA ALA B 22 12.24 -11.11 -13.70
C ALA B 22 13.57 -10.64 -13.13
N VAL B 23 14.51 -10.37 -14.02
CA VAL B 23 15.86 -9.98 -13.62
C VAL B 23 16.25 -8.74 -14.37
N PHE B 24 16.49 -7.65 -13.64
CA PHE B 24 17.08 -6.43 -14.19
C PHE B 24 18.54 -6.40 -13.77
N GLU B 25 19.43 -6.30 -14.75
CA GLU B 25 20.86 -6.28 -14.46
C GLU B 25 21.51 -5.12 -15.20
N ILE B 26 22.38 -4.40 -14.49
CA ILE B 26 23.24 -3.40 -15.11
C ILE B 26 24.65 -3.75 -14.69
N ASP B 27 25.55 -3.84 -15.66
CA ASP B 27 26.97 -4.02 -15.36
C ASP B 27 27.59 -2.64 -15.53
N ILE B 28 28.04 -2.10 -14.42
CA ILE B 28 28.56 -0.73 -14.39
C ILE B 28 29.66 -0.71 -13.36
N LYS B 29 30.85 -0.29 -13.78
CA LYS B 29 31.97 -0.12 -12.87
C LYS B 29 31.96 1.31 -12.32
N ILE B 30 31.77 1.44 -11.02
CA ILE B 30 31.78 2.75 -10.35
C ILE B 30 33.20 3.09 -9.98
N ASN B 31 33.68 4.23 -10.44
CA ASN B 31 35.10 4.57 -10.36
C ASN B 31 35.45 5.46 -9.16
N TYR B 32 34.47 5.94 -8.42
CA TYR B 32 34.68 6.74 -7.22
C TYR B 32 33.81 6.24 -6.08
N PRO B 33 34.37 6.10 -4.88
CA PRO B 33 33.65 5.42 -3.78
C PRO B 33 32.35 6.09 -3.35
N GLU B 34 32.23 7.41 -3.51
CA GLU B 34 31.03 8.13 -3.04
C GLU B 34 29.79 7.80 -3.86
N ILE B 35 29.95 7.30 -5.07
CA ILE B 35 28.83 7.09 -5.96
C ILE B 35 28.14 5.79 -5.57
N LYS B 36 26.82 5.85 -5.37
CA LYS B 36 26.04 4.66 -5.07
C LYS B 36 24.93 4.47 -6.10
N LEU B 37 24.57 3.21 -6.33
CA LEU B 37 23.45 2.82 -7.19
C LEU B 37 22.24 2.52 -6.32
N SER B 38 21.06 2.98 -6.75
CA SER B 38 19.83 2.69 -6.01
C SER B 38 18.74 2.27 -6.98
N TRP B 39 17.98 1.23 -6.62
CA TRP B 39 16.89 0.74 -7.46
C TRP B 39 15.57 1.41 -7.04
N TYR B 40 14.75 1.72 -8.03
CA TYR B 40 13.47 2.37 -7.80
C TYR B 40 12.38 1.69 -8.60
N LYS B 41 11.17 1.75 -8.09
CA LYS B 41 9.97 1.38 -8.85
C LYS B 41 9.11 2.64 -8.93
N GLY B 42 9.18 3.31 -10.06
CA GLY B 42 8.59 4.64 -10.12
C GLY B 42 9.33 5.53 -9.14
N THR B 43 8.58 6.13 -8.22
CA THR B 43 9.17 6.98 -7.19
C THR B 43 9.61 6.22 -5.97
N GLU B 44 9.20 4.97 -5.81
CA GLU B 44 9.47 4.21 -4.60
C GLU B 44 10.86 3.60 -4.67
N LYS B 45 11.69 3.91 -3.67
CA LYS B 45 12.97 3.22 -3.54
C LYS B 45 12.74 1.79 -3.09
N LEU B 46 13.28 0.81 -3.82
CA LEU B 46 12.98 -0.58 -3.49
C LEU B 46 13.81 -1.08 -2.32
N GLU B 47 13.17 -1.89 -1.48
CA GLU B 47 13.90 -2.48 -0.38
C GLU B 47 13.86 -3.99 -0.51
N PRO B 48 14.89 -4.67 -0.03
CA PRO B 48 14.92 -6.14 -0.10
C PRO B 48 13.74 -6.79 0.62
N SER B 49 13.15 -7.79 -0.03
CA SER B 49 12.01 -8.50 0.55
C SER B 49 11.91 -9.85 -0.13
N ASP B 50 10.82 -10.58 0.11
CA ASP B 50 10.58 -11.86 -0.56
C ASP B 50 10.26 -11.67 -2.04
N LYS B 51 9.81 -10.48 -2.41
CA LYS B 51 9.48 -10.13 -3.77
C LYS B 51 10.66 -9.52 -4.51
N PHE B 52 11.55 -8.81 -3.82
CA PHE B 52 12.65 -8.08 -4.44
C PHE B 52 13.98 -8.58 -3.85
N GLU B 53 14.84 -9.13 -4.70
CA GLU B 53 16.18 -9.54 -4.29
C GLU B 53 17.18 -8.61 -4.94
N ILE B 54 18.01 -7.95 -4.13
CA ILE B 54 18.95 -6.97 -4.64
C ILE B 54 20.35 -7.40 -4.24
N SER B 55 21.26 -7.45 -5.23
CA SER B 55 22.60 -7.89 -4.89
C SER B 55 23.60 -7.18 -5.80
N ILE B 56 24.87 -7.34 -5.45
CA ILE B 56 25.97 -6.69 -6.14
C ILE B 56 27.16 -7.65 -6.13
N ASP B 57 27.78 -7.84 -7.30
CA ASP B 57 29.03 -8.61 -7.42
C ASP B 57 29.93 -7.88 -8.40
N GLY B 58 30.88 -7.11 -7.88
CA GLY B 58 31.74 -6.30 -8.73
C GLY B 58 30.94 -5.28 -9.52
N ASP B 59 30.98 -5.40 -10.85
CA ASP B 59 30.22 -4.45 -11.67
C ASP B 59 28.78 -4.85 -11.84
N ARG B 60 28.41 -6.05 -11.41
CA ARG B 60 27.07 -6.55 -11.68
C ARG B 60 26.16 -6.09 -10.55
N HIS B 61 25.13 -5.33 -10.90
CA HIS B 61 24.07 -4.96 -9.98
C HIS B 61 22.78 -5.58 -10.50
N THR B 62 22.08 -6.32 -9.64
CA THR B 62 20.95 -7.14 -10.05
C THR B 62 19.73 -6.87 -9.17
N LEU B 63 18.58 -6.63 -9.81
CA LEU B 63 17.29 -6.64 -9.12
C LEU B 63 16.50 -7.81 -9.68
N ARG B 64 16.20 -8.80 -8.85
CA ARG B 64 15.38 -9.94 -9.25
C ARG B 64 14.00 -9.77 -8.61
N VAL B 65 12.97 -9.73 -9.44
CA VAL B 65 11.59 -9.67 -8.96
C VAL B 65 11.08 -11.10 -8.94
N LYS B 66 10.70 -11.60 -7.77
CA LYS B 66 10.37 -13.01 -7.63
C LYS B 66 8.90 -13.26 -7.94
N ASN B 67 8.61 -14.38 -8.61
CA ASN B 67 7.23 -14.87 -8.73
C ASN B 67 6.30 -13.79 -9.29
N CYS B 68 6.60 -13.34 -10.50
CA CYS B 68 6.00 -12.10 -11.00
C CYS B 68 4.50 -12.25 -11.23
N GLN B 69 3.74 -11.28 -10.76
CA GLN B 69 2.30 -11.16 -11.03
C GLN B 69 2.04 -9.91 -11.87
N LEU B 70 0.89 -9.87 -12.52
CA LEU B 70 0.52 -8.65 -13.25
C LEU B 70 0.52 -7.45 -12.32
N LYS B 71 0.19 -7.65 -11.05
CA LYS B 71 0.22 -6.49 -10.15
C LYS B 71 1.64 -6.02 -9.86
N ASP B 72 2.69 -6.80 -10.21
CA ASP B 72 4.05 -6.32 -10.05
C ASP B 72 4.51 -5.45 -11.20
N GLN B 73 3.71 -5.35 -12.26
CA GLN B 73 4.10 -4.64 -13.48
C GLN B 73 4.35 -3.16 -13.22
N GLY B 74 5.21 -2.58 -14.03
CA GLY B 74 5.42 -1.17 -13.96
C GLY B 74 6.83 -0.78 -14.34
N ASN B 75 7.20 0.38 -13.83
CA ASN B 75 8.47 0.99 -14.15
C ASN B 75 9.48 0.53 -13.10
N TYR B 76 10.63 0.06 -13.57
CA TYR B 76 11.75 -0.32 -12.72
C TYR B 76 13.00 0.38 -13.24
N ARG B 77 13.78 0.96 -12.33
CA ARG B 77 14.84 1.84 -12.79
C ARG B 77 15.97 1.88 -11.77
N LEU B 78 17.08 2.50 -12.16
CA LEU B 78 18.19 2.69 -11.25
C LEU B 78 18.78 4.07 -11.52
N VAL B 79 19.43 4.60 -10.51
CA VAL B 79 20.23 5.81 -10.63
C VAL B 79 21.60 5.45 -10.09
N CYS B 80 22.66 5.76 -10.84
CA CYS B 80 24.03 5.49 -10.41
C CYS B 80 24.93 6.64 -10.85
N GLY B 81 25.20 7.57 -9.93
CA GLY B 81 25.93 8.75 -10.28
C GLY B 81 25.22 9.50 -11.39
N PRO B 82 25.95 9.79 -12.48
CA PRO B 82 25.34 10.49 -13.61
C PRO B 82 24.47 9.60 -14.50
N HIS B 83 24.54 8.29 -14.33
CA HIS B 83 23.81 7.37 -15.19
C HIS B 83 22.42 7.12 -14.66
N ILE B 84 21.43 7.17 -15.55
CA ILE B 84 20.07 6.78 -15.22
C ILE B 84 19.59 5.78 -16.27
N ALA B 85 18.69 4.89 -15.86
CA ALA B 85 18.07 3.98 -16.80
C ALA B 85 16.79 3.49 -16.16
N SER B 86 15.74 3.40 -16.97
CA SER B 86 14.48 2.83 -16.53
C SER B 86 14.03 1.84 -17.59
N ALA B 87 13.21 0.89 -17.16
CA ALA B 87 12.74 -0.18 -18.03
C ALA B 87 11.37 -0.63 -17.55
N LYS B 88 10.71 -1.42 -18.39
CA LYS B 88 9.34 -1.86 -18.15
C LYS B 88 9.34 -3.34 -17.78
N LEU B 89 8.54 -3.68 -16.77
CA LEU B 89 8.27 -5.05 -16.44
C LEU B 89 6.87 -5.34 -16.97
N THR B 90 6.79 -6.25 -17.93
CA THR B 90 5.53 -6.76 -18.43
C THR B 90 5.45 -8.21 -18.03
N VAL B 91 4.30 -8.61 -17.49
CA VAL B 91 4.08 -9.97 -17.00
C VAL B 91 2.90 -10.51 -17.79
N ILE B 92 3.09 -11.66 -18.45
CA ILE B 92 2.08 -12.20 -19.36
C ILE B 92 1.37 -13.33 -18.64
N GLU B 93 0.08 -13.19 -18.44
CA GLU B 93 -0.72 -14.26 -17.89
C GLU B 93 -1.24 -15.14 -19.03
N PRO B 94 -1.07 -16.46 -18.96
CA PRO B 94 -1.64 -17.33 -19.99
C PRO B 94 -3.13 -17.10 -20.09
N ALA B 95 -3.61 -16.88 -21.31
CA ALA B 95 -5.03 -16.57 -21.50
C ALA B 95 -5.35 -16.65 -22.98
N TRP B 96 -6.62 -16.88 -23.30
CA TRP B 96 -7.03 -16.77 -24.69
C TRP B 96 -7.30 -15.30 -25.02
N GLU B 97 -6.43 -14.70 -25.84
CA GLU B 97 -6.55 -13.29 -26.24
C GLU B 97 -7.63 -13.08 -27.28
N ARG B 98 -7.70 -13.96 -28.26
CA ARG B 98 -8.79 -13.96 -29.22
C ARG B 98 -9.46 -15.33 -29.17
N HIS B 99 -10.78 -15.34 -29.09
CA HIS B 99 -11.47 -16.59 -28.83
C HIS B 99 -11.86 -17.25 -30.15
N LEU B 100 -12.02 -18.58 -30.10
CA LEU B 100 -12.64 -19.30 -31.20
C LEU B 100 -13.97 -18.65 -31.55
N GLN B 101 -14.27 -18.53 -32.84
CA GLN B 101 -15.53 -17.93 -33.26
C GLN B 101 -16.43 -18.99 -33.89
N ASP B 102 -17.73 -18.83 -33.70
CA ASP B 102 -18.66 -19.74 -34.37
C ASP B 102 -18.46 -19.64 -35.86
N VAL B 103 -18.57 -20.77 -36.55
CA VAL B 103 -18.44 -20.83 -38.00
C VAL B 103 -19.57 -21.67 -38.58
N THR B 104 -20.15 -21.20 -39.68
CA THR B 104 -21.16 -21.92 -40.44
C THR B 104 -20.70 -22.05 -41.88
N LEU B 105 -20.70 -23.28 -42.41
CA LEU B 105 -20.22 -23.54 -43.75
C LEU B 105 -21.18 -24.44 -44.51
N LYS B 106 -21.03 -24.43 -45.83
CA LYS B 106 -21.67 -25.42 -46.67
C LYS B 106 -20.81 -26.67 -46.71
N GLU B 107 -21.44 -27.82 -46.82
CA GLU B 107 -20.68 -29.05 -46.97
C GLU B 107 -19.71 -28.91 -48.14
N GLY B 108 -18.52 -29.48 -47.98
CA GLY B 108 -17.49 -29.39 -48.99
C GLY B 108 -16.53 -28.24 -48.83
N GLN B 109 -16.90 -27.19 -48.11
CA GLN B 109 -15.96 -26.08 -47.92
C GLN B 109 -14.84 -26.49 -46.96
N THR B 110 -13.80 -25.68 -46.92
CA THR B 110 -12.72 -25.88 -45.95
C THR B 110 -13.03 -25.09 -44.68
N CYS B 111 -13.00 -25.77 -43.55
CA CYS B 111 -13.20 -25.15 -42.25
C CYS B 111 -11.86 -24.75 -41.66
N THR B 112 -11.75 -23.48 -41.25
CA THR B 112 -10.59 -22.97 -40.53
C THR B 112 -11.06 -22.26 -39.28
N MET B 113 -10.68 -22.77 -38.12
CA MET B 113 -11.01 -22.16 -36.84
C MET B 113 -9.74 -21.80 -36.12
N THR B 114 -9.61 -20.54 -35.69
CA THR B 114 -8.41 -20.06 -35.03
C THR B 114 -8.75 -19.36 -33.74
N CYS B 115 -7.81 -19.45 -32.82
CA CYS B 115 -7.81 -18.66 -31.60
C CYS B 115 -6.39 -18.21 -31.34
N GLN B 116 -6.23 -17.25 -30.44
CA GLN B 116 -4.94 -16.63 -30.21
C GLN B 116 -4.65 -16.69 -28.72
N PHE B 117 -3.54 -17.34 -28.36
CA PHE B 117 -3.13 -17.44 -26.97
C PHE B 117 -2.17 -16.32 -26.64
N SER B 118 -2.14 -15.94 -25.37
CA SER B 118 -1.26 -14.83 -25.00
C SER B 118 0.20 -15.21 -24.97
N VAL B 119 0.54 -16.51 -25.01
CA VAL B 119 1.92 -16.97 -24.94
C VAL B 119 2.24 -17.72 -26.23
N PRO B 120 3.29 -17.37 -26.94
CA PRO B 120 3.58 -18.06 -28.20
C PRO B 120 4.19 -19.42 -27.97
N ASN B 121 3.95 -20.30 -28.94
CA ASN B 121 4.61 -21.61 -29.09
C ASN B 121 4.26 -22.62 -28.00
N VAL B 122 3.12 -22.47 -27.32
CA VAL B 122 2.71 -23.46 -26.35
C VAL B 122 1.95 -24.59 -27.03
N LYS B 123 1.81 -25.70 -26.31
CA LYS B 123 1.08 -26.87 -26.79
C LYS B 123 -0.34 -26.84 -26.26
N SER B 124 -1.29 -27.21 -27.11
CA SER B 124 -2.69 -27.13 -26.76
C SER B 124 -3.38 -28.42 -27.16
N GLU B 125 -4.59 -28.63 -26.64
CA GLU B 125 -5.40 -29.79 -27.01
C GLU B 125 -6.72 -29.31 -27.60
N TRP B 126 -7.14 -29.95 -28.70
CA TRP B 126 -8.43 -29.65 -29.34
C TRP B 126 -9.42 -30.77 -29.09
N PHE B 127 -10.70 -30.41 -29.05
CA PHE B 127 -11.78 -31.35 -28.80
C PHE B 127 -12.92 -31.10 -29.77
N ARG B 128 -13.56 -32.18 -30.21
CA ARG B 128 -14.85 -32.10 -30.86
C ARG B 128 -15.84 -32.75 -29.90
N ASN B 129 -16.85 -31.99 -29.50
CA ASN B 129 -17.89 -32.48 -28.60
C ASN B 129 -17.32 -33.18 -27.39
N GLY B 130 -16.26 -32.61 -26.81
CA GLY B 130 -15.72 -33.18 -25.61
C GLY B 130 -14.79 -34.36 -25.81
N ARG B 131 -14.66 -34.87 -27.02
CA ARG B 131 -13.71 -35.96 -27.27
C ARG B 131 -12.43 -35.41 -27.88
N ILE B 132 -11.28 -35.90 -27.38
CA ILE B 132 -10.01 -35.38 -27.84
C ILE B 132 -9.85 -35.63 -29.33
N LEU B 133 -9.33 -34.65 -30.04
CA LEU B 133 -9.03 -34.75 -31.46
C LEU B 133 -7.53 -34.91 -31.67
N LYS B 134 -7.13 -35.87 -32.49
CA LYS B 134 -5.76 -36.01 -32.97
C LYS B 134 -5.67 -35.40 -34.37
N PRO B 135 -4.51 -34.86 -34.74
CA PRO B 135 -4.30 -34.48 -36.16
C PRO B 135 -4.30 -35.70 -37.08
N GLN B 136 -5.50 -36.17 -37.38
CA GLN B 136 -5.74 -37.37 -38.17
C GLN B 136 -6.48 -37.07 -39.47
N GLY B 137 -6.12 -37.82 -40.52
CA GLY B 137 -6.92 -37.88 -41.73
C GLY B 137 -7.27 -36.50 -42.26
N ARG B 138 -8.52 -36.11 -42.00
CA ARG B 138 -9.05 -34.82 -42.42
C ARG B 138 -8.79 -33.68 -41.44
N HIS B 139 -8.66 -33.96 -40.13
CA HIS B 139 -8.47 -32.90 -39.14
C HIS B 139 -6.97 -32.62 -38.96
N LYS B 140 -6.59 -31.34 -39.00
CA LYS B 140 -5.22 -30.93 -38.77
C LYS B 140 -5.17 -29.74 -37.80
N THR B 141 -4.26 -29.82 -36.82
CA THR B 141 -4.08 -28.76 -35.83
C THR B 141 -2.64 -28.28 -35.85
N GLU B 142 -2.45 -26.97 -35.71
CA GLU B 142 -1.11 -26.41 -35.71
C GLU B 142 -1.05 -25.20 -34.78
N VAL B 143 0.18 -24.84 -34.42
CA VAL B 143 0.49 -23.68 -33.59
C VAL B 143 1.51 -22.86 -34.35
N GLU B 144 1.24 -21.57 -34.59
CA GLU B 144 2.25 -20.79 -35.29
C GLU B 144 2.37 -19.51 -34.47
N HIS B 145 3.36 -19.43 -33.56
CA HIS B 145 3.50 -18.31 -32.62
C HIS B 145 2.30 -18.29 -31.67
N LYS B 146 1.47 -17.25 -31.65
CA LYS B 146 0.34 -17.20 -30.71
C LYS B 146 -0.93 -17.84 -31.24
N VAL B 147 -1.00 -18.13 -32.53
CA VAL B 147 -2.26 -18.53 -33.15
C VAL B 147 -2.39 -20.04 -33.13
N HIS B 148 -3.52 -20.52 -32.63
CA HIS B 148 -3.85 -21.94 -32.64
C HIS B 148 -4.94 -22.17 -33.67
N LYS B 149 -4.71 -23.12 -34.58
CA LYS B 149 -5.54 -23.27 -35.76
C LYS B 149 -5.91 -24.73 -36.00
N LEU B 150 -7.20 -24.99 -36.18
CA LEU B 150 -7.70 -26.29 -36.61
C LEU B 150 -8.22 -26.15 -38.02
N THR B 151 -7.83 -27.07 -38.90
CA THR B 151 -8.29 -27.08 -40.28
C THR B 151 -8.99 -28.39 -40.57
N ILE B 152 -10.20 -28.30 -41.12
CA ILE B 152 -10.91 -29.46 -41.63
C ILE B 152 -11.26 -29.17 -43.09
N ALA B 153 -10.61 -29.87 -44.00
CA ALA B 153 -10.93 -29.75 -45.41
C ALA B 153 -12.15 -30.60 -45.74
N ASP B 154 -12.90 -30.15 -46.75
CA ASP B 154 -14.01 -30.93 -47.29
C ASP B 154 -14.94 -31.39 -46.16
N VAL B 155 -15.50 -30.40 -45.46
CA VAL B 155 -16.29 -30.67 -44.27
C VAL B 155 -17.56 -31.43 -44.65
N ARG B 156 -18.02 -32.28 -43.73
CA ARG B 156 -19.24 -33.04 -43.90
C ARG B 156 -20.15 -32.73 -42.71
N ALA B 157 -21.43 -33.08 -42.84
CA ALA B 157 -22.38 -32.77 -41.77
C ALA B 157 -21.93 -33.36 -40.44
N GLU B 158 -21.28 -34.52 -40.47
CA GLU B 158 -20.86 -35.19 -39.26
C GLU B 158 -19.80 -34.40 -38.49
N ASP B 159 -19.10 -33.47 -39.14
CA ASP B 159 -18.11 -32.67 -38.43
C ASP B 159 -18.73 -31.57 -37.56
N GLN B 160 -20.01 -31.31 -37.74
CA GLN B 160 -20.72 -30.29 -36.97
C GLN B 160 -20.68 -30.62 -35.48
N GLY B 161 -20.55 -29.59 -34.65
CA GLY B 161 -20.53 -29.80 -33.22
C GLY B 161 -19.73 -28.69 -32.53
N GLN B 162 -19.39 -28.97 -31.26
CA GLN B 162 -18.68 -28.02 -30.42
C GLN B 162 -17.18 -28.27 -30.53
N TYR B 163 -16.42 -27.23 -30.85
CA TYR B 163 -14.96 -27.37 -30.95
C TYR B 163 -14.32 -26.51 -29.88
N THR B 164 -13.36 -27.09 -29.18
CA THR B 164 -12.73 -26.45 -28.02
C THR B 164 -11.22 -26.58 -28.11
N CYS B 165 -10.52 -25.49 -27.84
CA CYS B 165 -9.07 -25.52 -27.69
C CYS B 165 -8.76 -25.22 -26.23
N LYS B 166 -7.88 -26.02 -25.65
CA LYS B 166 -7.68 -25.99 -24.20
C LYS B 166 -6.20 -25.91 -23.88
N TYR B 167 -5.84 -24.99 -22.98
CA TYR B 167 -4.51 -24.92 -22.39
C TYR B 167 -4.64 -24.98 -20.89
N GLU B 168 -4.10 -26.02 -20.26
CA GLU B 168 -4.28 -26.23 -18.83
C GLU B 168 -5.76 -26.15 -18.45
N ASP B 169 -6.16 -25.10 -17.74
CA ASP B 169 -7.54 -24.94 -17.30
C ASP B 169 -8.25 -23.87 -18.08
N LEU B 170 -7.67 -23.42 -19.19
CA LEU B 170 -8.22 -22.34 -19.98
C LEU B 170 -8.76 -22.89 -21.28
N GLU B 171 -10.06 -22.79 -21.47
CA GLU B 171 -10.68 -23.26 -22.70
C GLU B 171 -11.18 -22.06 -23.50
N THR B 172 -11.11 -22.19 -24.82
CA THR B 172 -11.90 -21.37 -25.72
C THR B 172 -12.68 -22.31 -26.62
N SER B 173 -13.93 -21.93 -26.91
CA SER B 173 -14.85 -22.89 -27.48
C SER B 173 -15.85 -22.16 -28.36
N ALA B 174 -16.29 -22.86 -29.41
CA ALA B 174 -17.25 -22.31 -30.36
C ALA B 174 -17.93 -23.44 -31.11
N GLU B 175 -18.91 -23.07 -31.92
CA GLU B 175 -19.76 -24.00 -32.65
C GLU B 175 -19.38 -24.02 -34.12
N LEU B 176 -19.26 -25.21 -34.68
CA LEU B 176 -19.19 -25.42 -36.11
C LEU B 176 -20.56 -25.91 -36.54
N ARG B 177 -21.19 -25.19 -37.45
CA ARG B 177 -22.48 -25.59 -37.98
C ARG B 177 -22.34 -25.76 -39.48
N ILE B 178 -22.96 -26.82 -40.00
CA ILE B 178 -22.81 -27.21 -41.39
C ILE B 178 -24.19 -27.20 -42.03
N GLU B 179 -24.30 -26.56 -43.20
CA GLU B 179 -25.55 -26.61 -43.95
C GLU B 179 -25.47 -27.88 -44.79
N ALA B 180 -26.19 -28.92 -44.35
CA ALA B 180 -26.08 -30.24 -44.95
C ALA B 180 -26.83 -30.35 -46.26
N GLU B 181 -26.26 -31.14 -47.16
CA GLU B 181 -26.96 -31.60 -48.35
C GLU B 181 -28.23 -32.33 -47.95
N PRO B 182 -29.39 -31.99 -48.52
CA PRO B 182 -30.63 -32.69 -48.18
C PRO B 182 -30.58 -34.13 -48.71
N ILE B 183 -31.26 -35.01 -47.98
CA ILE B 183 -31.39 -36.39 -48.41
C ILE B 183 -32.19 -36.44 -49.71
N GLN B 184 -31.84 -37.39 -50.57
CA GLN B 184 -32.54 -37.59 -51.84
C GLN B 184 -32.81 -39.06 -52.05
N PHE B 185 -33.75 -39.34 -52.94
CA PHE B 185 -34.01 -40.70 -53.40
C PHE B 185 -33.05 -40.98 -54.54
N THR B 186 -32.11 -41.90 -54.32
CA THR B 186 -31.33 -42.36 -55.44
C THR B 186 -32.10 -43.40 -56.25
N LYS B 187 -33.18 -43.99 -55.70
CA LYS B 187 -33.92 -44.98 -56.46
C LYS B 187 -35.36 -44.71 -56.02
N ARG B 188 -36.17 -44.15 -56.89
CA ARG B 188 -37.53 -43.77 -56.50
C ARG B 188 -38.46 -44.99 -56.48
N ILE B 189 -39.56 -44.90 -55.70
CA ILE B 189 -40.55 -45.98 -55.76
C ILE B 189 -41.24 -45.96 -57.11
N GLN B 190 -41.68 -47.13 -57.56
CA GLN B 190 -42.17 -47.28 -58.91
C GLN B 190 -43.58 -47.85 -58.91
N ASN B 191 -44.28 -47.61 -60.01
CA ASN B 191 -45.63 -48.12 -60.17
C ASN B 191 -45.66 -49.64 -60.09
N ILE B 192 -46.79 -50.17 -59.62
CA ILE B 192 -46.98 -51.61 -59.48
C ILE B 192 -48.38 -51.94 -59.99
N VAL B 193 -48.46 -53.01 -60.78
CA VAL B 193 -49.72 -53.62 -61.18
C VAL B 193 -49.67 -55.07 -60.73
N VAL B 194 -50.70 -55.51 -59.99
CA VAL B 194 -50.84 -56.89 -59.54
C VAL B 194 -52.27 -57.34 -59.75
N SER B 195 -52.50 -58.65 -59.69
CA SER B 195 -53.85 -59.19 -59.70
C SER B 195 -54.39 -59.29 -58.29
N GLU B 196 -55.71 -59.19 -58.15
CA GLU B 196 -56.36 -59.06 -56.85
C GLU B 196 -55.97 -60.19 -55.91
N HIS B 197 -55.70 -59.83 -54.66
CA HIS B 197 -55.28 -60.68 -53.56
C HIS B 197 -53.78 -60.99 -53.59
N GLN B 198 -53.04 -60.62 -54.62
CA GLN B 198 -51.60 -60.72 -54.55
C GLN B 198 -51.01 -59.64 -53.65
N SER B 199 -49.76 -59.83 -53.27
CA SER B 199 -49.00 -58.85 -52.52
C SER B 199 -48.30 -57.89 -53.47
N ALA B 200 -47.96 -56.71 -52.96
CA ALA B 200 -47.27 -55.70 -53.74
C ALA B 200 -46.16 -55.08 -52.88
N THR B 201 -44.96 -54.97 -53.45
CA THR B 201 -43.81 -54.47 -52.70
C THR B 201 -43.24 -53.27 -53.43
N PHE B 202 -43.33 -52.12 -52.80
CA PHE B 202 -42.62 -50.92 -53.21
C PHE B 202 -41.21 -50.98 -52.64
N GLU B 203 -40.26 -50.44 -53.40
CA GLU B 203 -38.88 -50.43 -52.96
C GLU B 203 -38.23 -49.14 -53.41
N CYS B 204 -37.30 -48.65 -52.60
CA CYS B 204 -36.60 -47.42 -52.93
C CYS B 204 -35.23 -47.43 -52.26
N GLU B 205 -34.41 -46.44 -52.62
CA GLU B 205 -33.08 -46.25 -52.07
C GLU B 205 -32.85 -44.75 -51.87
N VAL B 206 -32.25 -44.39 -50.75
CA VAL B 206 -31.93 -42.99 -50.45
C VAL B 206 -30.42 -42.82 -50.44
N SER B 207 -29.98 -41.57 -50.37
CA SER B 207 -28.57 -41.28 -50.56
C SER B 207 -27.74 -41.49 -49.32
N PHE B 208 -28.36 -41.70 -48.16
CA PHE B 208 -27.63 -41.82 -46.90
C PHE B 208 -28.23 -42.93 -46.05
N ASP B 209 -27.40 -43.50 -45.17
CA ASP B 209 -27.83 -44.51 -44.23
C ASP B 209 -28.61 -43.90 -43.06
N ASP B 210 -29.37 -44.76 -42.37
CA ASP B 210 -30.07 -44.43 -41.12
C ASP B 210 -31.20 -43.41 -41.29
N ALA B 211 -31.80 -43.35 -42.47
CA ALA B 211 -33.00 -42.52 -42.64
C ALA B 211 -34.21 -43.17 -41.99
N ILE B 212 -35.08 -42.34 -41.43
CA ILE B 212 -36.36 -42.78 -40.88
C ILE B 212 -37.40 -42.57 -41.98
N VAL B 213 -38.10 -43.63 -42.35
CA VAL B 213 -39.06 -43.56 -43.45
C VAL B 213 -40.46 -43.81 -42.92
N THR B 214 -41.41 -43.14 -43.56
CA THR B 214 -42.83 -43.24 -43.26
C THR B 214 -43.59 -43.41 -44.56
N TRP B 215 -44.53 -44.35 -44.60
CA TRP B 215 -45.26 -44.66 -45.82
C TRP B 215 -46.69 -44.17 -45.68
N TYR B 216 -47.27 -43.76 -46.81
CA TYR B 216 -48.59 -43.14 -46.84
C TYR B 216 -49.40 -43.73 -47.98
N LYS B 217 -50.71 -43.91 -47.79
CA LYS B 217 -51.60 -44.04 -48.93
C LYS B 217 -52.37 -42.74 -48.99
N GLY B 218 -52.17 -41.97 -50.06
CA GLY B 218 -52.68 -40.62 -50.11
C GLY B 218 -52.14 -39.88 -48.91
N PRO B 219 -53.01 -39.18 -48.19
CA PRO B 219 -52.58 -38.44 -47.00
C PRO B 219 -52.53 -39.28 -45.73
N THR B 220 -52.79 -40.58 -45.83
CA THR B 220 -53.02 -41.42 -44.68
C THR B 220 -51.72 -42.16 -44.35
N GLU B 221 -51.20 -41.94 -43.16
CA GLU B 221 -50.01 -42.68 -42.74
C GLU B 221 -50.35 -44.16 -42.57
N LEU B 222 -49.48 -45.02 -43.08
CA LEU B 222 -49.62 -46.47 -42.91
C LEU B 222 -48.81 -46.93 -41.70
N THR B 223 -49.37 -47.84 -40.91
CA THR B 223 -48.75 -48.35 -39.71
C THR B 223 -48.50 -49.86 -39.78
N GLU B 224 -47.64 -50.35 -38.88
CA GLU B 224 -47.35 -51.78 -38.80
C GLU B 224 -48.65 -52.56 -38.62
N SER B 225 -48.87 -53.54 -39.49
CA SER B 225 -50.06 -54.35 -39.38
C SER B 225 -49.85 -55.63 -40.15
N GLN B 226 -50.87 -56.49 -40.15
CA GLN B 226 -50.83 -57.62 -41.05
C GLN B 226 -50.84 -57.14 -42.49
N LYS B 227 -51.48 -56.01 -42.74
CA LYS B 227 -51.67 -55.55 -44.09
C LYS B 227 -50.40 -54.94 -44.68
N TYR B 228 -49.65 -54.15 -43.90
CA TYR B 228 -48.46 -53.42 -44.35
C TYR B 228 -47.27 -53.88 -43.54
N ASN B 229 -46.24 -54.38 -44.23
CA ASN B 229 -44.97 -54.79 -43.65
C ASN B 229 -43.85 -53.91 -44.17
N PHE B 230 -42.85 -53.64 -43.32
CA PHE B 230 -41.77 -52.73 -43.65
C PHE B 230 -40.41 -53.34 -43.33
N ARG B 231 -39.43 -53.10 -44.20
CA ARG B 231 -38.06 -53.50 -43.89
C ARG B 231 -37.08 -52.51 -44.50
N ASN B 232 -35.89 -52.45 -43.89
CA ASN B 232 -34.78 -51.65 -44.42
C ASN B 232 -33.52 -52.50 -44.53
N ASP B 233 -32.64 -52.10 -45.45
CA ASP B 233 -31.32 -52.73 -45.62
C ASP B 233 -30.38 -51.61 -46.07
N GLY B 234 -29.70 -51.00 -45.09
CA GLY B 234 -28.82 -49.88 -45.37
C GLY B 234 -29.52 -48.66 -45.92
N ARG B 235 -29.33 -48.39 -47.20
CA ARG B 235 -29.99 -47.26 -47.85
C ARG B 235 -31.30 -47.68 -48.53
N CYS B 236 -31.60 -48.97 -48.56
CA CYS B 236 -32.80 -49.46 -49.21
C CYS B 236 -33.94 -49.55 -48.20
N HIS B 237 -35.14 -49.25 -48.65
CA HIS B 237 -36.32 -49.32 -47.80
C HIS B 237 -37.46 -49.92 -48.61
N TYR B 238 -38.28 -50.73 -47.97
CA TYR B 238 -39.31 -51.49 -48.64
C TYR B 238 -40.60 -51.46 -47.85
N MET B 239 -41.71 -51.48 -48.58
CA MET B 239 -43.01 -51.72 -47.96
C MET B 239 -43.76 -52.73 -48.79
N THR B 240 -44.34 -53.74 -48.15
CA THR B 240 -45.17 -54.72 -48.81
C THR B 240 -46.62 -54.53 -48.39
N ILE B 241 -47.51 -54.46 -49.37
CA ILE B 241 -48.96 -54.44 -49.15
C ILE B 241 -49.50 -55.82 -49.48
N HIS B 242 -50.07 -56.51 -48.49
CA HIS B 242 -50.63 -57.83 -48.72
C HIS B 242 -52.08 -57.76 -49.21
N ASN B 243 -52.49 -58.79 -49.97
CA ASN B 243 -53.88 -59.00 -50.38
C ASN B 243 -54.48 -57.72 -51.00
N VAL B 244 -53.94 -57.36 -52.15
CA VAL B 244 -54.32 -56.10 -52.78
C VAL B 244 -55.74 -56.23 -53.31
N THR B 245 -56.63 -55.35 -52.88
CA THR B 245 -58.01 -55.30 -53.30
C THR B 245 -58.31 -53.90 -53.81
N PRO B 246 -59.47 -53.69 -54.46
CA PRO B 246 -59.72 -52.35 -55.03
C PRO B 246 -59.57 -51.19 -54.05
N ASP B 247 -59.88 -51.37 -52.76
CA ASP B 247 -59.63 -50.29 -51.81
C ASP B 247 -58.15 -49.96 -51.68
N ASP B 248 -57.26 -50.90 -52.04
CA ASP B 248 -55.83 -50.64 -51.95
C ASP B 248 -55.25 -49.88 -53.14
N GLU B 249 -56.02 -49.66 -54.21
CA GLU B 249 -55.49 -49.00 -55.40
C GLU B 249 -55.35 -47.50 -55.19
N GLY B 250 -54.34 -46.91 -55.85
CA GLY B 250 -54.22 -45.47 -55.81
C GLY B 250 -52.81 -45.03 -55.49
N VAL B 251 -52.69 -43.75 -55.10
CA VAL B 251 -51.41 -43.07 -54.92
C VAL B 251 -50.81 -43.45 -53.58
N TYR B 252 -49.53 -43.83 -53.58
CA TYR B 252 -48.79 -44.11 -52.35
C TYR B 252 -47.56 -43.22 -52.33
N SER B 253 -47.04 -42.95 -51.14
CA SER B 253 -45.86 -42.12 -51.00
C SER B 253 -44.98 -42.68 -49.91
N VAL B 254 -43.70 -42.35 -49.99
CA VAL B 254 -42.77 -42.62 -48.90
C VAL B 254 -41.98 -41.35 -48.61
N ILE B 255 -41.85 -41.03 -47.32
CA ILE B 255 -41.12 -39.85 -46.87
C ILE B 255 -39.92 -40.35 -46.10
N ALA B 256 -38.73 -39.96 -46.54
CA ALA B 256 -37.48 -40.37 -45.91
C ALA B 256 -36.88 -39.17 -45.18
N ARG B 257 -36.55 -39.36 -43.90
CA ARG B 257 -36.11 -38.28 -43.02
C ARG B 257 -34.76 -38.63 -42.41
N LEU B 258 -33.84 -37.67 -42.38
CA LEU B 258 -32.53 -37.88 -41.79
C LEU B 258 -31.97 -36.55 -41.31
N GLU B 259 -31.79 -36.41 -40.00
CA GLU B 259 -31.14 -35.23 -39.47
C GLU B 259 -29.65 -35.26 -39.80
N PRO B 260 -29.03 -34.12 -40.14
CA PRO B 260 -29.64 -32.80 -40.37
C PRO B 260 -29.82 -32.53 -41.87
N ARG B 261 -30.34 -33.54 -42.58
CA ARG B 261 -30.50 -33.49 -44.03
C ARG B 261 -31.96 -33.35 -44.47
N GLY B 262 -32.84 -32.90 -43.59
CA GLY B 262 -34.20 -32.63 -44.03
C GLY B 262 -34.97 -33.92 -44.29
N GLU B 263 -35.79 -33.87 -45.34
CA GLU B 263 -36.59 -35.03 -45.75
C GLU B 263 -36.92 -34.91 -47.22
N ALA B 264 -37.23 -36.06 -47.82
CA ALA B 264 -37.53 -36.17 -49.24
C ALA B 264 -38.72 -37.11 -49.40
N ARG B 265 -39.42 -36.98 -50.52
CA ARG B 265 -40.65 -37.72 -50.74
C ARG B 265 -40.61 -38.39 -52.11
N SER B 266 -41.12 -39.61 -52.19
CA SER B 266 -41.22 -40.33 -53.45
C SER B 266 -42.63 -40.89 -53.57
N THR B 267 -43.20 -40.80 -54.77
CA THR B 267 -44.60 -41.20 -54.96
C THR B 267 -44.76 -42.08 -56.20
N ALA B 268 -45.60 -43.10 -56.09
CA ALA B 268 -45.97 -43.92 -57.22
C ALA B 268 -47.35 -44.50 -56.93
N GLU B 269 -47.88 -45.29 -57.87
CA GLU B 269 -49.25 -45.77 -57.77
C GLU B 269 -49.36 -47.28 -57.96
N LEU B 270 -50.33 -47.87 -57.26
CA LEU B 270 -50.66 -49.29 -57.33
C LEU B 270 -52.05 -49.48 -57.92
N TYR B 271 -52.17 -50.34 -58.93
CA TYR B 271 -53.45 -50.67 -59.57
C TYR B 271 -53.56 -52.17 -59.73
N LEU B 272 -54.80 -52.65 -59.84
CA LEU B 272 -55.11 -54.04 -60.02
C LEU B 272 -55.14 -54.43 -61.50
N THR B 273 -54.95 -55.73 -61.73
CA THR B 273 -55.13 -56.44 -63.00
C THR B 273 -53.89 -56.30 -63.87
N MET C 3 32.14 -34.73 18.19
CA MET C 3 32.05 -33.34 18.57
C MET C 3 31.53 -33.16 20.00
N PRO C 4 32.10 -32.19 20.73
CA PRO C 4 31.69 -31.99 22.13
C PRO C 4 30.24 -31.60 22.30
N VAL C 5 29.71 -30.74 21.41
CA VAL C 5 28.34 -30.27 21.51
C VAL C 5 27.69 -30.30 20.14
N THR C 6 26.37 -30.36 20.13
CA THR C 6 25.57 -30.32 18.91
C THR C 6 24.49 -29.27 19.07
N LEU C 7 24.60 -28.18 18.31
CA LEU C 7 23.66 -27.08 18.41
C LEU C 7 22.37 -27.42 17.68
N ILE C 8 21.25 -27.20 18.34
CA ILE C 8 19.93 -27.41 17.75
C ILE C 8 19.30 -26.07 17.36
N LYS C 9 19.19 -25.16 18.33
CA LYS C 9 18.70 -23.80 18.06
C LYS C 9 19.42 -22.81 18.96
N ASP C 10 19.98 -21.76 18.37
CA ASP C 10 20.78 -20.78 19.10
C ASP C 10 19.90 -19.67 19.69
N ILE C 11 20.51 -18.86 20.57
CA ILE C 11 19.77 -17.74 21.16
C ILE C 11 19.42 -16.71 20.09
N GLU C 12 18.47 -15.84 20.43
CA GLU C 12 18.01 -14.78 19.55
C GLU C 12 17.98 -13.46 20.29
N ASN C 13 17.98 -12.37 19.52
CA ASN C 13 17.82 -11.04 20.09
C ASN C 13 16.48 -10.92 20.82
N GLN C 14 16.45 -10.08 21.84
CA GLN C 14 15.21 -9.82 22.56
C GLN C 14 14.97 -8.33 22.60
N THR C 15 13.77 -7.91 22.23
CA THR C 15 13.29 -6.55 22.41
C THR C 15 12.05 -6.66 23.28
N VAL C 16 12.10 -6.07 24.48
CA VAL C 16 11.02 -6.22 25.45
C VAL C 16 10.55 -4.88 25.97
N LEU C 17 9.36 -4.90 26.51
CA LEU C 17 8.82 -3.72 27.17
C LEU C 17 9.52 -3.54 28.50
N LYS C 18 9.77 -2.29 28.87
CA LYS C 18 10.40 -2.02 30.17
C LYS C 18 9.61 -2.70 31.28
N ASP C 19 10.34 -3.30 32.22
CA ASP C 19 9.84 -4.03 33.39
C ASP C 19 9.29 -5.39 33.03
N ASN C 20 9.32 -5.79 31.77
CA ASN C 20 9.02 -7.16 31.45
C ASN C 20 10.31 -7.95 31.41
N ASP C 21 10.18 -9.26 31.35
CA ASP C 21 11.31 -10.16 31.27
C ASP C 21 11.73 -10.37 29.84
N ALA C 22 13.02 -10.63 29.66
CA ALA C 22 13.57 -11.08 28.39
C ALA C 22 14.05 -12.52 28.53
N VAL C 23 13.93 -13.28 27.46
CA VAL C 23 14.23 -14.71 27.52
C VAL C 23 15.18 -15.05 26.38
N PHE C 24 16.38 -15.47 26.73
CA PHE C 24 17.33 -16.03 25.78
C PHE C 24 17.36 -17.54 25.97
N GLU C 25 17.11 -18.28 24.89
CA GLU C 25 17.04 -19.73 24.98
C GLU C 25 17.90 -20.35 23.91
N ILE C 26 18.64 -21.39 24.29
CA ILE C 26 19.44 -22.17 23.35
C ILE C 26 19.11 -23.64 23.52
N ASP C 27 18.83 -24.31 22.42
CA ASP C 27 18.70 -25.77 22.40
C ASP C 27 20.01 -26.34 21.87
N ILE C 28 20.73 -27.05 22.73
CA ILE C 28 22.07 -27.56 22.40
C ILE C 28 22.23 -28.90 23.12
N LYS C 29 22.62 -29.91 22.35
CA LYS C 29 22.90 -31.24 22.88
C LYS C 29 24.34 -31.28 23.34
N ILE C 30 24.56 -31.43 24.64
CA ILE C 30 25.89 -31.56 25.20
C ILE C 30 26.23 -33.05 25.25
N ASN C 31 27.31 -33.43 24.56
CA ASN C 31 27.65 -34.84 24.37
C ASN C 31 28.78 -35.34 25.27
N TYR C 32 29.49 -34.46 25.97
CA TYR C 32 30.61 -34.85 26.81
C TYR C 32 30.31 -34.29 28.21
N PRO C 33 30.49 -35.08 29.27
CA PRO C 33 29.96 -34.68 30.58
C PRO C 33 30.57 -33.43 31.20
N GLU C 34 31.84 -33.14 30.97
CA GLU C 34 32.46 -32.00 31.65
C GLU C 34 31.97 -30.65 31.11
N ILE C 35 31.33 -30.63 29.94
CA ILE C 35 30.92 -29.40 29.29
C ILE C 35 29.58 -28.94 29.82
N LYS C 36 29.55 -27.75 30.40
CA LYS C 36 28.34 -26.96 30.56
C LYS C 36 28.49 -25.51 30.15
N LEU C 37 27.32 -24.98 29.82
CA LEU C 37 27.11 -23.67 29.29
C LEU C 37 27.18 -22.62 30.38
N SER C 38 27.74 -21.48 30.02
CA SER C 38 27.82 -20.36 30.95
C SER C 38 27.29 -19.14 30.23
N TRP C 39 26.55 -18.31 30.96
CA TRP C 39 26.04 -17.06 30.44
C TRP C 39 26.97 -15.93 30.87
N TYR C 40 27.13 -14.94 29.99
CA TYR C 40 27.97 -13.78 30.28
C TYR C 40 27.25 -12.50 29.88
N LYS C 41 27.56 -11.44 30.61
CA LYS C 41 27.22 -10.08 30.22
C LYS C 41 28.54 -9.28 30.20
N GLY C 42 29.04 -9.00 29.01
CA GLY C 42 30.37 -8.44 28.93
C GLY C 42 31.38 -9.45 29.41
N THR C 43 32.20 -9.10 30.41
CA THR C 43 33.15 -10.07 30.94
C THR C 43 32.55 -10.90 32.07
N GLU C 44 31.45 -10.46 32.67
CA GLU C 44 30.92 -11.07 33.88
C GLU C 44 30.18 -12.36 33.57
N LYS C 45 30.57 -13.44 34.24
CA LYS C 45 29.78 -14.68 34.22
C LYS C 45 28.53 -14.51 35.05
N LEU C 46 27.37 -14.76 34.44
CA LEU C 46 26.11 -14.54 35.11
C LEU C 46 25.78 -15.71 36.03
N GLU C 47 25.24 -15.38 37.20
CA GLU C 47 24.82 -16.34 38.21
C GLU C 47 23.37 -16.10 38.59
N PRO C 48 22.68 -17.13 39.07
CA PRO C 48 21.27 -16.95 39.44
C PRO C 48 21.11 -15.87 40.50
N SER C 49 20.18 -14.95 40.26
CA SER C 49 19.97 -13.85 41.18
C SER C 49 18.56 -13.33 41.00
N ASP C 50 18.30 -12.16 41.58
CA ASP C 50 17.04 -11.47 41.38
C ASP C 50 16.91 -10.93 39.97
N LYS C 51 18.02 -10.69 39.29
CA LYS C 51 17.99 -10.17 37.94
C LYS C 51 18.06 -11.27 36.90
N PHE C 52 18.74 -12.37 37.19
CA PHE C 52 18.94 -13.42 36.20
C PHE C 52 18.37 -14.73 36.71
N GLU C 53 17.45 -15.32 35.96
CA GLU C 53 16.97 -16.65 36.25
C GLU C 53 17.58 -17.56 35.20
N ILE C 54 18.35 -18.53 35.65
CA ILE C 54 19.12 -19.43 34.79
C ILE C 54 18.68 -20.84 35.08
N SER C 55 18.32 -21.58 34.02
CA SER C 55 17.79 -22.91 34.22
C SER C 55 18.17 -23.81 33.05
N ILE C 56 17.89 -25.11 33.22
CA ILE C 56 18.18 -26.14 32.24
C ILE C 56 17.02 -27.10 32.22
N ASP C 57 16.54 -27.45 31.02
CA ASP C 57 15.57 -28.52 30.84
C ASP C 57 16.03 -29.36 29.65
N GLY C 58 16.67 -30.49 29.95
CA GLY C 58 17.24 -31.30 28.90
C GLY C 58 18.30 -30.50 28.16
N ASP C 59 18.08 -30.30 26.87
CA ASP C 59 19.01 -29.54 26.08
C ASP C 59 18.71 -28.04 26.05
N ARG C 60 17.57 -27.61 26.59
CA ARG C 60 17.17 -26.21 26.49
C ARG C 60 17.69 -25.44 27.69
N HIS C 61 18.51 -24.42 27.41
CA HIS C 61 19.08 -23.55 28.44
C HIS C 61 18.49 -22.16 28.29
N THR C 62 18.04 -21.60 29.41
CA THR C 62 17.31 -20.34 29.42
C THR C 62 17.96 -19.38 30.40
N LEU C 63 18.24 -18.17 29.92
CA LEU C 63 18.60 -17.05 30.76
C LEU C 63 17.46 -16.04 30.68
N ARG C 64 16.77 -15.85 31.80
CA ARG C 64 15.66 -14.92 31.89
C ARG C 64 16.16 -13.71 32.65
N VAL C 65 16.12 -12.54 31.98
CA VAL C 65 16.52 -11.27 32.59
C VAL C 65 15.24 -10.61 33.09
N LYS C 66 15.15 -10.41 34.41
CA LYS C 66 13.90 -10.00 35.04
C LYS C 66 13.76 -8.48 35.05
N ASN C 67 12.53 -8.00 34.85
CA ASN C 67 12.20 -6.60 35.11
C ASN C 67 13.16 -5.66 34.38
N CYS C 68 13.16 -5.79 33.06
CA CYS C 68 14.21 -5.16 32.27
C CYS C 68 14.12 -3.65 32.33
N GLN C 69 15.27 -3.01 32.48
CA GLN C 69 15.42 -1.57 32.45
C GLN C 69 16.25 -1.16 31.25
N LEU C 70 16.16 0.13 30.87
CA LEU C 70 17.02 0.58 29.80
C LEU C 70 18.50 0.39 30.17
N LYS C 71 18.84 0.54 31.45
CA LYS C 71 20.22 0.35 31.86
C LYS C 71 20.63 -1.11 31.83
N ASP C 72 19.69 -2.05 31.60
CA ASP C 72 20.02 -3.46 31.40
C ASP C 72 20.39 -3.80 29.96
N GLN C 73 20.16 -2.88 29.02
CA GLN C 73 20.38 -3.17 27.61
C GLN C 73 21.85 -3.46 27.35
N GLY C 74 22.11 -4.26 26.33
CA GLY C 74 23.48 -4.53 25.94
C GLY C 74 23.62 -5.91 25.34
N ASN C 75 24.86 -6.39 25.35
CA ASN C 75 25.19 -7.66 24.72
C ASN C 75 25.09 -8.74 25.78
N TYR C 76 24.37 -9.81 25.46
CA TYR C 76 24.31 -10.99 26.31
C TYR C 76 24.74 -12.19 25.48
N ARG C 77 25.55 -13.06 26.08
CA ARG C 77 26.22 -14.10 25.31
C ARG C 77 26.36 -15.34 26.16
N LEU C 78 26.80 -16.42 25.51
CA LEU C 78 27.03 -17.68 26.17
C LEU C 78 28.28 -18.33 25.59
N VAL C 79 28.86 -19.21 26.39
CA VAL C 79 29.92 -20.11 25.97
C VAL C 79 29.52 -21.52 26.41
N CYS C 80 29.53 -22.47 25.48
CA CYS C 80 29.20 -23.86 25.79
C CYS C 80 30.18 -24.73 25.02
N GLY C 81 31.28 -25.08 25.68
CA GLY C 81 32.37 -25.75 25.02
C GLY C 81 32.89 -24.92 23.86
N PRO C 82 32.95 -25.50 22.66
CA PRO C 82 33.42 -24.73 21.51
C PRO C 82 32.38 -23.76 20.99
N HIS C 83 31.12 -23.89 21.40
CA HIS C 83 30.05 -23.09 20.85
C HIS C 83 29.94 -21.77 21.58
N ILE C 84 29.84 -20.68 20.82
CA ILE C 84 29.60 -19.37 21.38
C ILE C 84 28.44 -18.73 20.66
N ALA C 85 27.74 -17.83 21.35
CA ALA C 85 26.67 -17.09 20.72
C ALA C 85 26.39 -15.85 21.55
N SER C 86 26.08 -14.75 20.89
CA SER C 86 25.73 -13.51 21.58
C SER C 86 24.49 -12.91 20.95
N ALA C 87 23.80 -12.07 21.73
CA ALA C 87 22.57 -11.44 21.27
C ALA C 87 22.42 -10.10 21.97
N LYS C 88 21.51 -9.29 21.45
CA LYS C 88 21.28 -7.94 21.91
C LYS C 88 19.98 -7.90 22.70
N LEU C 89 20.00 -7.22 23.83
CA LEU C 89 18.80 -6.91 24.61
C LEU C 89 18.43 -5.46 24.36
N THR C 90 17.23 -5.23 23.84
CA THR C 90 16.65 -3.90 23.67
C THR C 90 15.44 -3.75 24.57
N VAL C 91 15.34 -2.63 25.26
CA VAL C 91 14.26 -2.40 26.22
C VAL C 91 13.53 -1.11 25.85
N ILE C 92 12.22 -1.17 25.75
CA ILE C 92 11.42 -0.04 25.29
C ILE C 92 10.71 0.58 26.48
N GLU C 93 11.01 1.82 26.74
CA GLU C 93 10.27 2.54 27.76
C GLU C 93 9.05 3.20 27.14
N PRO C 94 7.87 3.04 27.75
CA PRO C 94 6.68 3.75 27.23
C PRO C 94 6.94 5.25 27.18
N ALA C 95 6.69 5.85 26.02
CA ALA C 95 6.96 7.27 25.83
C ALA C 95 6.28 7.72 24.56
N TRP C 96 5.95 9.01 24.50
CA TRP C 96 5.41 9.55 23.26
C TRP C 96 6.60 9.85 22.36
N GLU C 97 6.73 9.05 21.29
CA GLU C 97 7.82 9.17 20.32
C GLU C 97 7.58 10.33 19.37
N ARG C 98 6.34 10.51 18.93
CA ARG C 98 5.94 11.66 18.15
C ARG C 98 4.79 12.34 18.88
N HIS C 99 4.88 13.66 19.02
CA HIS C 99 3.95 14.41 19.85
C HIS C 99 2.79 14.96 19.04
N LEU C 100 1.66 15.16 19.71
CA LEU C 100 0.58 15.89 19.06
C LEU C 100 1.12 17.22 18.57
N GLN C 101 0.74 17.60 17.36
CA GLN C 101 1.16 18.85 16.76
C GLN C 101 -0.04 19.77 16.63
N ASP C 102 0.20 21.07 16.75
CA ASP C 102 -0.86 22.06 16.55
C ASP C 102 -1.44 21.96 15.15
N VAL C 103 -2.75 22.17 15.06
CA VAL C 103 -3.50 22.18 13.83
C VAL C 103 -4.41 23.38 13.79
N THR C 104 -4.47 24.03 12.62
CA THR C 104 -5.44 25.08 12.32
C THR C 104 -6.14 24.69 11.03
N LEU C 105 -7.47 24.63 11.06
CA LEU C 105 -8.26 24.16 9.93
C LEU C 105 -9.42 25.11 9.69
N LYS C 106 -10.03 24.99 8.50
CA LYS C 106 -11.28 25.68 8.20
C LYS C 106 -12.47 24.87 8.71
N GLU C 107 -13.49 25.57 9.19
CA GLU C 107 -14.70 24.90 9.64
C GLU C 107 -15.25 23.99 8.55
N GLY C 108 -15.76 22.83 8.97
CA GLY C 108 -16.32 21.88 8.05
C GLY C 108 -15.35 20.84 7.53
N GLN C 109 -14.05 21.12 7.60
CA GLN C 109 -13.06 20.15 7.16
C GLN C 109 -13.04 18.96 8.12
N THR C 110 -12.38 17.88 7.69
CA THR C 110 -12.19 16.74 8.58
C THR C 110 -10.88 16.94 9.33
N CYS C 111 -10.95 16.88 10.65
CA CYS C 111 -9.78 17.06 11.51
C CYS C 111 -9.15 15.71 11.85
N THR C 112 -7.82 15.61 11.66
CA THR C 112 -7.06 14.45 12.11
C THR C 112 -5.83 14.90 12.88
N MET C 113 -5.73 14.48 14.13
CA MET C 113 -4.58 14.74 14.97
C MET C 113 -3.98 13.40 15.38
N THR C 114 -2.68 13.25 15.21
CA THR C 114 -2.03 11.99 15.52
C THR C 114 -0.85 12.21 16.45
N CYS C 115 -0.58 11.20 17.26
CA CYS C 115 0.66 11.09 18.02
C CYS C 115 1.10 9.63 17.97
N GLN C 116 2.33 9.39 18.40
CA GLN C 116 2.93 8.07 18.27
C GLN C 116 3.53 7.63 19.59
N PHE C 117 3.06 6.50 20.11
CA PHE C 117 3.57 5.95 21.35
C PHE C 117 4.64 4.92 21.05
N SER C 118 5.57 4.75 21.98
CA SER C 118 6.67 3.82 21.74
C SER C 118 6.26 2.36 21.88
N VAL C 119 5.08 2.09 22.48
CA VAL C 119 4.64 0.74 22.72
C VAL C 119 3.32 0.54 21.93
N PRO C 120 3.22 -0.52 21.13
CA PRO C 120 2.02 -0.66 20.29
C PRO C 120 0.80 -1.08 21.09
N ASN C 121 -0.36 -0.68 20.57
CA ASN C 121 -1.64 -1.21 21.01
C ASN C 121 -1.94 -0.88 22.46
N VAL C 122 -1.31 0.16 23.00
CA VAL C 122 -1.63 0.53 24.35
C VAL C 122 -2.92 1.31 24.35
N LYS C 123 -3.52 1.38 25.52
CA LYS C 123 -4.83 1.97 25.73
C LYS C 123 -4.64 3.39 26.26
N SER C 124 -5.26 4.36 25.58
CA SER C 124 -5.01 5.75 25.90
C SER C 124 -6.32 6.48 26.07
N GLU C 125 -6.23 7.64 26.72
CA GLU C 125 -7.37 8.52 26.96
C GLU C 125 -7.12 9.84 26.26
N TRP C 126 -8.16 10.36 25.61
CA TRP C 126 -8.08 11.67 24.97
C TRP C 126 -8.91 12.68 25.76
N PHE C 127 -8.49 13.93 25.70
CA PHE C 127 -9.18 14.99 26.41
C PHE C 127 -9.33 16.19 25.50
N ARG C 128 -10.45 16.89 25.63
CA ARG C 128 -10.61 18.22 25.07
C ARG C 128 -10.74 19.20 26.23
N ASN C 129 -9.86 20.19 26.28
CA ASN C 129 -9.85 21.20 27.34
C ASN C 129 -9.91 20.54 28.72
N GLY C 130 -9.12 19.48 28.88
CA GLY C 130 -9.06 18.80 30.15
C GLY C 130 -10.22 17.88 30.40
N ARG C 131 -11.22 17.88 29.54
CA ARG C 131 -12.41 17.11 29.81
C ARG C 131 -12.31 15.85 28.92
N ILE C 132 -12.64 14.68 29.48
CA ILE C 132 -12.44 13.42 28.76
C ILE C 132 -13.30 13.35 27.49
N LEU C 133 -12.71 12.82 26.42
CA LEU C 133 -13.38 12.65 25.13
C LEU C 133 -13.85 11.21 24.95
N LYS C 134 -15.06 11.05 24.48
CA LYS C 134 -15.63 9.78 24.07
C LYS C 134 -15.40 9.54 22.58
N PRO C 135 -14.98 8.34 22.16
CA PRO C 135 -15.02 8.01 20.72
C PRO C 135 -16.43 7.70 20.21
N GLN C 136 -17.25 8.73 19.98
CA GLN C 136 -18.61 8.50 19.50
C GLN C 136 -19.00 9.60 18.52
N GLY C 137 -19.79 9.23 17.52
CA GLY C 137 -20.40 10.16 16.58
C GLY C 137 -19.41 10.97 15.78
N ARG C 138 -19.23 12.26 16.10
CA ARG C 138 -18.34 13.08 15.30
C ARG C 138 -16.88 12.88 15.67
N HIS C 139 -16.58 12.66 16.95
CA HIS C 139 -15.21 12.43 17.39
C HIS C 139 -14.99 10.91 17.38
N LYS C 140 -13.87 10.49 16.82
CA LYS C 140 -13.49 9.09 16.82
C LYS C 140 -12.04 8.99 17.26
N THR C 141 -11.75 8.06 18.16
CA THR C 141 -10.39 7.88 18.64
C THR C 141 -9.98 6.46 18.29
N GLU C 142 -8.74 6.29 17.86
CA GLU C 142 -8.32 4.98 17.44
C GLU C 142 -6.90 4.72 17.90
N VAL C 143 -6.55 3.44 17.97
CA VAL C 143 -5.19 3.05 18.22
C VAL C 143 -4.80 2.10 17.09
N GLU C 144 -3.76 2.48 16.34
CA GLU C 144 -3.17 1.70 15.24
C GLU C 144 -1.72 1.41 15.52
N HIS C 145 -1.46 0.27 16.17
CA HIS C 145 -0.11 -0.10 16.54
C HIS C 145 0.42 1.03 17.41
N LYS C 146 1.41 1.74 16.92
CA LYS C 146 1.99 2.82 17.70
C LYS C 146 1.27 4.16 17.52
N VAL C 147 0.41 4.31 16.52
CA VAL C 147 -0.18 5.61 16.19
C VAL C 147 -1.53 5.76 16.89
N HIS C 148 -1.70 6.87 17.60
CA HIS C 148 -2.98 7.23 18.21
C HIS C 148 -3.58 8.41 17.44
N LYS C 149 -4.83 8.27 17.03
CA LYS C 149 -5.42 9.16 16.04
C LYS C 149 -6.79 9.63 16.49
N LEU C 150 -6.99 10.93 16.50
CA LEU C 150 -8.30 11.50 16.72
C LEU C 150 -8.80 12.07 15.40
N THR C 151 -10.02 11.69 15.03
CA THR C 151 -10.67 12.14 13.81
C THR C 151 -11.94 12.87 14.20
N ILE C 152 -12.09 14.09 13.72
CA ILE C 152 -13.31 14.87 13.91
C ILE C 152 -13.88 15.14 12.54
N ALA C 153 -15.01 14.53 12.23
CA ALA C 153 -15.66 14.78 10.98
C ALA C 153 -16.41 16.11 11.08
N ASP C 154 -16.46 16.82 9.96
CA ASP C 154 -17.23 18.05 9.86
C ASP C 154 -16.90 18.98 11.03
N VAL C 155 -15.64 19.39 11.09
CA VAL C 155 -15.17 20.11 12.26
C VAL C 155 -15.91 21.42 12.41
N ARG C 156 -16.16 21.83 13.65
CA ARG C 156 -16.89 23.06 13.93
C ARG C 156 -16.07 23.97 14.83
N ALA C 157 -16.49 25.24 14.88
CA ALA C 157 -15.76 26.22 15.70
C ALA C 157 -15.69 25.78 17.15
N GLU C 158 -16.76 25.14 17.64
CA GLU C 158 -16.84 24.67 19.02
C GLU C 158 -15.79 23.61 19.32
N ASP C 159 -15.22 22.99 18.30
CA ASP C 159 -14.20 21.98 18.51
C ASP C 159 -12.84 22.58 18.84
N GLN C 160 -12.68 23.89 18.68
CA GLN C 160 -11.42 24.55 18.99
C GLN C 160 -11.06 24.37 20.47
N GLY C 161 -9.78 24.17 20.75
CA GLY C 161 -9.33 24.00 22.12
C GLY C 161 -8.07 23.16 22.22
N GLN C 162 -7.78 22.74 23.45
CA GLN C 162 -6.59 21.96 23.77
C GLN C 162 -6.94 20.49 23.80
N TYR C 163 -6.21 19.69 23.01
CA TYR C 163 -6.43 18.26 22.92
C TYR C 163 -5.21 17.51 23.46
N THR C 164 -5.47 16.50 24.28
CA THR C 164 -4.41 15.78 24.97
C THR C 164 -4.63 14.29 24.84
N CYS C 165 -3.56 13.55 24.56
CA CYS C 165 -3.61 12.10 24.57
C CYS C 165 -2.72 11.59 25.68
N LYS C 166 -3.25 10.70 26.51
CA LYS C 166 -2.60 10.31 27.74
C LYS C 166 -2.60 8.78 27.85
N TYR C 167 -1.44 8.24 28.20
CA TYR C 167 -1.28 6.85 28.60
C TYR C 167 -0.70 6.86 30.00
N GLU C 168 -1.44 6.29 30.95
CA GLU C 168 -1.05 6.38 32.36
C GLU C 168 -0.83 7.84 32.73
N ASP C 169 0.43 8.20 33.01
CA ASP C 169 0.76 9.56 33.41
C ASP C 169 1.59 10.30 32.38
N LEU C 170 1.63 9.81 31.14
CA LEU C 170 2.40 10.41 30.05
C LEU C 170 1.45 11.14 29.10
N GLU C 171 1.59 12.45 29.00
CA GLU C 171 0.70 13.24 28.16
C GLU C 171 1.46 13.82 26.98
N THR C 172 0.75 13.96 25.86
CA THR C 172 1.17 14.82 24.76
C THR C 172 -0.01 15.69 24.39
N SER C 173 0.24 16.94 24.02
CA SER C 173 -0.84 17.91 23.95
C SER C 173 -0.55 18.99 22.90
N ALA C 174 -1.62 19.53 22.33
CA ALA C 174 -1.50 20.55 21.29
C ALA C 174 -2.81 21.31 21.17
N GLU C 175 -2.80 22.34 20.32
CA GLU C 175 -3.95 23.21 20.14
C GLU C 175 -4.61 22.87 18.82
N LEU C 176 -5.93 22.73 18.84
CA LEU C 176 -6.71 22.73 17.62
C LEU C 176 -7.36 24.10 17.49
N ARG C 177 -7.06 24.80 16.39
CA ARG C 177 -7.62 26.12 16.12
C ARG C 177 -8.45 26.03 14.86
N ILE C 178 -9.64 26.62 14.90
CA ILE C 178 -10.60 26.51 13.83
C ILE C 178 -10.88 27.90 13.31
N GLU C 179 -10.77 28.09 11.99
CA GLU C 179 -11.15 29.38 11.42
C GLU C 179 -12.64 29.25 11.15
N ALA C 180 -13.42 29.89 12.02
CA ALA C 180 -14.86 29.77 12.02
C ALA C 180 -15.43 30.44 10.78
N GLU C 181 -16.52 29.90 10.29
CA GLU C 181 -17.07 30.52 9.11
C GLU C 181 -17.76 31.82 9.54
N PRO C 182 -17.50 32.94 8.87
CA PRO C 182 -17.94 34.24 9.39
C PRO C 182 -19.45 34.38 9.39
N ILE C 183 -19.95 35.22 10.30
CA ILE C 183 -21.39 35.43 10.39
C ILE C 183 -21.90 36.09 9.12
N GLN C 184 -23.11 35.70 8.69
CA GLN C 184 -23.75 36.26 7.51
C GLN C 184 -25.18 36.69 7.83
N PHE C 185 -25.72 37.56 6.98
CA PHE C 185 -27.14 37.89 6.98
C PHE C 185 -27.85 36.97 5.99
N THR C 186 -28.67 36.06 6.49
CA THR C 186 -29.47 35.26 5.56
C THR C 186 -30.70 36.04 5.10
N LYS C 187 -31.04 37.12 5.79
CA LYS C 187 -32.07 38.05 5.35
C LYS C 187 -31.60 39.42 5.80
N ARG C 188 -31.33 40.30 4.83
CA ARG C 188 -30.83 41.65 5.08
C ARG C 188 -31.98 42.55 5.54
N ILE C 189 -31.63 43.65 6.23
CA ILE C 189 -32.63 44.68 6.46
C ILE C 189 -32.93 45.35 5.13
N GLN C 190 -34.15 45.88 4.97
CA GLN C 190 -34.58 46.47 3.71
C GLN C 190 -35.18 47.85 3.91
N ASN C 191 -35.21 48.63 2.84
CA ASN C 191 -35.76 49.98 2.89
C ASN C 191 -37.20 49.98 3.37
N ILE C 192 -37.61 51.09 3.97
CA ILE C 192 -38.97 51.27 4.47
C ILE C 192 -39.45 52.69 4.12
N VAL C 193 -40.67 52.80 3.62
CA VAL C 193 -41.32 54.09 3.45
C VAL C 193 -42.55 54.09 4.34
N VAL C 194 -42.66 55.08 5.21
CA VAL C 194 -43.80 55.20 6.11
C VAL C 194 -44.33 56.63 6.03
N SER C 195 -45.54 56.81 6.52
CA SER C 195 -46.12 58.14 6.67
C SER C 195 -45.69 58.72 8.00
N GLU C 196 -45.63 60.05 8.03
CA GLU C 196 -45.12 60.73 9.21
C GLU C 196 -45.90 60.33 10.45
N HIS C 197 -45.16 60.09 11.53
CA HIS C 197 -45.62 59.73 12.87
C HIS C 197 -45.97 58.25 13.00
N GLN C 198 -46.01 57.48 11.91
CA GLN C 198 -46.13 56.04 12.01
C GLN C 198 -44.81 55.43 12.50
N SER C 199 -44.87 54.17 12.91
CA SER C 199 -43.67 53.44 13.30
C SER C 199 -43.06 52.72 12.11
N ALA C 200 -41.79 52.40 12.22
CA ALA C 200 -41.09 51.67 11.18
C ALA C 200 -40.31 50.55 11.82
N THR C 201 -40.41 49.34 11.26
CA THR C 201 -39.72 48.18 11.84
C THR C 201 -38.78 47.61 10.79
N PHE C 202 -37.48 47.69 11.06
CA PHE C 202 -36.46 46.97 10.31
C PHE C 202 -36.30 45.55 10.86
N GLU C 203 -36.07 44.60 9.97
CA GLU C 203 -35.89 43.23 10.46
C GLU C 203 -34.91 42.47 9.58
N CYS C 204 -34.20 41.52 10.21
CA CYS C 204 -33.21 40.74 9.49
C CYS C 204 -33.07 39.38 10.15
N GLU C 205 -32.29 38.52 9.51
CA GLU C 205 -31.97 37.20 10.01
C GLU C 205 -30.50 36.97 9.73
N VAL C 206 -29.79 36.43 10.71
CA VAL C 206 -28.38 36.10 10.56
C VAL C 206 -28.25 34.59 10.60
N SER C 207 -27.06 34.10 10.28
CA SER C 207 -26.86 32.67 10.05
C SER C 207 -26.68 31.85 11.33
N PHE C 208 -26.55 32.47 12.50
CA PHE C 208 -26.35 31.73 13.74
C PHE C 208 -27.16 32.35 14.87
N ASP C 209 -27.47 31.53 15.86
CA ASP C 209 -28.13 32.01 17.07
C ASP C 209 -27.12 32.77 17.94
N ASP C 210 -27.65 33.51 18.91
CA ASP C 210 -26.86 34.19 19.93
C ASP C 210 -25.97 35.29 19.37
N ALA C 211 -26.32 35.87 18.23
CA ALA C 211 -25.58 37.03 17.77
C ALA C 211 -25.90 38.24 18.63
N ILE C 212 -24.90 39.06 18.88
CA ILE C 212 -25.08 40.34 19.53
C ILE C 212 -25.22 41.36 18.42
N VAL C 213 -26.35 42.04 18.35
CA VAL C 213 -26.62 42.96 17.25
C VAL C 213 -26.68 44.39 17.80
N THR C 214 -26.17 45.33 17.01
CA THR C 214 -26.17 46.74 17.34
C THR C 214 -26.73 47.51 16.16
N TRP C 215 -27.62 48.46 16.44
CA TRP C 215 -28.27 49.24 15.41
C TRP C 215 -27.77 50.67 15.43
N TYR C 216 -27.69 51.26 14.24
CA TYR C 216 -27.13 52.59 14.04
C TYR C 216 -28.00 53.39 13.10
N LYS C 217 -28.08 54.69 13.34
CA LYS C 217 -28.48 55.66 12.31
C LYS C 217 -27.21 56.40 11.93
N GLY C 218 -26.77 56.21 10.69
CA GLY C 218 -25.46 56.69 10.30
C GLY C 218 -24.42 56.07 11.23
N PRO C 219 -23.57 56.90 11.82
CA PRO C 219 -22.55 56.39 12.74
C PRO C 219 -22.99 56.27 14.19
N THR C 220 -24.25 56.61 14.51
CA THR C 220 -24.71 56.79 15.88
C THR C 220 -25.42 55.54 16.38
N GLU C 221 -24.93 54.97 17.47
CA GLU C 221 -25.57 53.79 18.05
C GLU C 221 -26.96 54.12 18.60
N LEU C 222 -27.94 53.27 18.29
CA LEU C 222 -29.29 53.45 18.81
C LEU C 222 -29.44 52.61 20.07
N THR C 223 -30.00 53.22 21.12
CA THR C 223 -30.11 52.57 22.42
C THR C 223 -31.57 52.44 22.84
N GLU C 224 -31.79 51.55 23.82
CA GLU C 224 -33.12 51.34 24.38
C GLU C 224 -33.70 52.66 24.85
N SER C 225 -34.91 52.95 24.40
CA SER C 225 -35.60 54.17 24.81
C SER C 225 -37.07 54.01 24.43
N GLN C 226 -37.86 55.06 24.66
CA GLN C 226 -39.20 55.08 24.11
C GLN C 226 -39.15 55.08 22.60
N LYS C 227 -38.11 55.70 22.02
CA LYS C 227 -38.03 55.88 20.58
C LYS C 227 -37.62 54.61 19.86
N TYR C 228 -36.69 53.85 20.42
CA TYR C 228 -36.16 52.66 19.75
C TYR C 228 -36.43 51.44 20.61
N ASN C 229 -37.14 50.45 20.05
CA ASN C 229 -37.40 49.17 20.72
C ASN C 229 -36.74 48.04 19.94
N PHE C 230 -36.25 47.04 20.67
CA PHE C 230 -35.47 45.95 20.08
C PHE C 230 -35.98 44.58 20.52
N ARG C 231 -35.99 43.62 19.59
CA ARG C 231 -36.30 42.24 19.96
C ARG C 231 -35.55 41.30 19.02
N ASN C 232 -35.30 40.09 19.51
CA ASN C 232 -34.73 39.02 18.70
C ASN C 232 -35.60 37.79 18.78
N ASP C 233 -35.47 36.91 17.79
CA ASP C 233 -36.14 35.60 17.82
C ASP C 233 -35.18 34.61 17.16
N GLY C 234 -34.36 33.96 17.97
CA GLY C 234 -33.37 33.04 17.44
C GLY C 234 -32.38 33.73 16.54
N ARG C 235 -32.47 33.47 15.23
CA ARG C 235 -31.58 34.10 14.28
C ARG C 235 -32.13 35.40 13.74
N CYS C 236 -33.37 35.76 14.09
CA CYS C 236 -33.99 36.98 13.62
C CYS C 236 -33.80 38.12 14.62
N HIS C 237 -33.65 39.34 14.09
CA HIS C 237 -33.47 40.52 14.92
C HIS C 237 -34.30 41.66 14.36
N TYR C 238 -34.89 42.44 15.25
CA TYR C 238 -35.83 43.48 14.88
C TYR C 238 -35.54 44.73 15.69
N MET C 239 -35.74 45.89 15.07
CA MET C 239 -35.75 47.18 15.75
C MET C 239 -36.94 47.99 15.24
N THR C 240 -37.69 48.58 16.16
CA THR C 240 -38.81 49.44 15.78
C THR C 240 -38.47 50.88 16.15
N ILE C 241 -38.68 51.79 15.20
CA ILE C 241 -38.57 53.23 15.42
C ILE C 241 -39.97 53.82 15.48
N HIS C 242 -40.34 54.38 16.62
CA HIS C 242 -41.65 55.00 16.80
C HIS C 242 -41.66 56.44 16.29
N ASN C 243 -42.86 56.90 15.92
CA ASN C 243 -43.12 58.31 15.55
C ASN C 243 -42.08 58.84 14.56
N VAL C 244 -42.09 58.27 13.37
CA VAL C 244 -41.08 58.64 12.40
C VAL C 244 -41.37 60.06 11.90
N THR C 245 -40.37 60.92 12.00
CA THR C 245 -40.44 62.32 11.57
C THR C 245 -39.25 62.57 10.66
N PRO C 246 -39.20 63.73 9.99
CA PRO C 246 -38.12 63.95 9.02
C PRO C 246 -36.69 63.78 9.56
N ASP C 247 -36.45 64.10 10.84
CA ASP C 247 -35.13 63.87 11.45
C ASP C 247 -34.74 62.40 11.44
N ASP C 248 -35.73 61.51 11.37
CA ASP C 248 -35.48 60.08 11.40
C ASP C 248 -35.11 59.50 10.04
N GLU C 249 -35.26 60.28 8.96
CA GLU C 249 -35.02 59.72 7.65
C GLU C 249 -33.54 59.48 7.42
N GLY C 250 -33.24 58.44 6.64
CA GLY C 250 -31.89 58.21 6.20
C GLY C 250 -31.46 56.77 6.40
N VAL C 251 -30.14 56.55 6.31
CA VAL C 251 -29.57 55.22 6.28
C VAL C 251 -29.45 54.68 7.69
N TYR C 252 -29.84 53.42 7.88
CA TYR C 252 -29.66 52.71 9.14
C TYR C 252 -28.80 51.48 8.87
N SER C 253 -28.13 51.00 9.92
CA SER C 253 -27.31 49.82 9.82
C SER C 253 -27.61 48.93 11.00
N VAL C 254 -27.39 47.63 10.80
CA VAL C 254 -27.38 46.68 11.90
C VAL C 254 -26.06 45.95 11.79
N ILE C 255 -25.37 45.80 12.91
CA ILE C 255 -24.11 45.08 12.94
C ILE C 255 -24.29 43.87 13.81
N ALA C 256 -24.07 42.69 13.25
CA ALA C 256 -24.23 41.45 14.00
C ALA C 256 -22.86 40.91 14.30
N ARG C 257 -22.59 40.61 15.58
CA ARG C 257 -21.29 40.17 16.04
C ARG C 257 -21.46 38.84 16.74
N LEU C 258 -20.56 37.90 16.45
CA LEU C 258 -20.60 36.60 17.10
C LEU C 258 -19.21 36.00 17.07
N GLU C 259 -18.58 35.89 18.23
CA GLU C 259 -17.28 35.26 18.33
C GLU C 259 -17.43 33.75 18.13
N PRO C 260 -16.49 33.10 17.43
CA PRO C 260 -15.36 33.69 16.72
C PRO C 260 -15.65 33.85 15.24
N ARG C 261 -16.84 34.36 14.90
CA ARG C 261 -17.25 34.46 13.50
C ARG C 261 -17.21 35.89 13.00
N GLY C 262 -16.46 36.76 13.66
CA GLY C 262 -16.32 38.12 13.17
C GLY C 262 -17.59 38.90 13.37
N GLU C 263 -17.88 39.80 12.43
CA GLU C 263 -19.09 40.61 12.49
C GLU C 263 -19.43 41.04 11.08
N ALA C 264 -20.72 41.34 10.88
CA ALA C 264 -21.20 41.68 9.55
C ALA C 264 -22.19 42.83 9.66
N ARG C 265 -22.33 43.55 8.56
CA ARG C 265 -23.12 44.76 8.56
C ARG C 265 -24.13 44.71 7.43
N SER C 266 -25.35 45.15 7.72
CA SER C 266 -26.40 45.26 6.72
C SER C 266 -26.98 46.66 6.86
N THR C 267 -27.24 47.31 5.73
CA THR C 267 -27.71 48.68 5.75
C THR C 267 -28.92 48.83 4.83
N ALA C 268 -29.83 49.71 5.23
CA ALA C 268 -30.98 50.07 4.43
C ALA C 268 -31.36 51.50 4.80
N GLU C 269 -32.40 52.01 4.16
CA GLU C 269 -32.76 53.41 4.30
C GLU C 269 -34.23 53.54 4.71
N LEU C 270 -34.50 54.54 5.54
CA LEU C 270 -35.84 54.84 6.01
C LEU C 270 -36.29 56.13 5.34
N TYR C 271 -37.46 56.10 4.72
CA TYR C 271 -37.99 57.25 4.02
C TYR C 271 -39.37 57.59 4.54
N LEU C 272 -39.71 58.87 4.47
CA LEU C 272 -41.09 59.27 4.71
C LEU C 272 -41.84 59.37 3.40
N THR C 273 -43.17 59.25 3.52
CA THR C 273 -44.14 59.79 2.58
C THR C 273 -44.83 58.72 1.80
N ALA D 2 -17.13 57.48 39.88
CA ALA D 2 -18.42 56.82 39.68
C ALA D 2 -18.26 55.45 38.97
N MET D 3 -17.02 55.05 38.67
CA MET D 3 -16.78 53.96 37.73
C MET D 3 -17.03 52.59 38.34
N PRO D 4 -17.58 51.65 37.57
CA PRO D 4 -17.94 50.34 38.15
C PRO D 4 -16.78 49.61 38.79
N VAL D 5 -15.62 49.57 38.13
CA VAL D 5 -14.44 48.94 38.68
C VAL D 5 -13.24 49.83 38.40
N THR D 6 -12.19 49.63 39.19
CA THR D 6 -10.92 50.29 38.97
C THR D 6 -9.85 49.22 38.93
N LEU D 7 -9.31 48.98 37.74
CA LEU D 7 -8.33 47.93 37.58
C LEU D 7 -7.01 48.39 38.14
N ILE D 8 -6.43 47.58 38.99
CA ILE D 8 -5.13 47.93 39.48
C ILE D 8 -4.12 47.15 38.68
N LYS D 9 -4.15 45.81 38.75
CA LYS D 9 -3.27 44.93 37.97
C LYS D 9 -3.90 43.62 37.55
N ASP D 10 -3.78 43.34 36.24
CA ASP D 10 -4.44 42.23 35.55
C ASP D 10 -3.64 40.93 35.65
N ILE D 11 -4.31 39.85 35.23
CA ILE D 11 -3.67 38.54 35.18
C ILE D 11 -2.58 38.52 34.11
N GLU D 12 -1.66 37.57 34.26
CA GLU D 12 -0.57 37.31 33.32
C GLU D 12 -0.51 35.81 33.05
N ASN D 13 0.11 35.43 31.92
CA ASN D 13 0.27 34.02 31.57
C ASN D 13 1.09 33.28 32.63
N GLN D 14 0.84 31.97 32.74
CA GLN D 14 1.52 31.09 33.68
C GLN D 14 2.14 29.89 32.98
N THR D 15 3.38 29.58 33.32
CA THR D 15 4.04 28.36 32.89
C THR D 15 4.48 27.62 34.16
N VAL D 16 3.94 26.40 34.35
CA VAL D 16 4.19 25.62 35.56
C VAL D 16 4.61 24.19 35.21
N LEU D 17 5.22 23.53 36.19
CA LEU D 17 5.56 22.12 36.12
C LEU D 17 4.36 21.24 36.45
N LYS D 18 4.28 20.09 35.78
CA LYS D 18 3.22 19.12 36.02
C LYS D 18 3.13 18.74 37.49
N ASP D 19 1.90 18.63 38.00
CA ASP D 19 1.49 18.29 39.37
C ASP D 19 1.70 19.46 40.33
N ASN D 20 2.21 20.59 39.86
CA ASN D 20 2.24 21.81 40.66
C ASN D 20 1.01 22.65 40.33
N ASP D 21 0.79 23.68 41.14
CA ASP D 21 -0.33 24.61 40.98
C ASP D 21 0.03 25.79 40.08
N ALA D 22 -0.99 26.36 39.47
CA ALA D 22 -0.89 27.61 38.74
C ALA D 22 -1.74 28.67 39.43
N VAL D 23 -1.28 29.92 39.37
CA VAL D 23 -1.94 31.03 40.07
C VAL D 23 -2.17 32.19 39.11
N PHE D 24 -3.43 32.49 38.84
CA PHE D 24 -3.84 33.69 38.13
C PHE D 24 -4.38 34.69 39.16
N GLU D 25 -3.82 35.90 39.21
CA GLU D 25 -4.26 36.87 40.20
C GLU D 25 -4.51 38.24 39.58
N ILE D 26 -5.59 38.87 40.01
CA ILE D 26 -6.00 40.18 39.52
C ILE D 26 -6.26 41.12 40.69
N ASP D 27 -5.70 42.32 40.61
CA ASP D 27 -5.98 43.40 41.56
C ASP D 27 -7.00 44.33 40.90
N ILE D 28 -8.19 44.39 41.47
CA ILE D 28 -9.33 45.09 40.86
C ILE D 28 -10.13 45.73 41.98
N LYS D 29 -10.32 47.04 41.92
CA LYS D 29 -11.18 47.72 42.88
C LYS D 29 -12.60 47.64 42.34
N ILE D 30 -13.45 46.89 43.02
CA ILE D 30 -14.86 46.80 42.65
C ILE D 30 -15.59 47.88 43.43
N ASN D 31 -16.20 48.83 42.72
CA ASN D 31 -16.73 50.01 43.36
C ASN D 31 -18.22 49.88 43.70
N TYR D 32 -18.88 48.82 43.23
CA TYR D 32 -20.28 48.58 43.52
C TYR D 32 -20.44 47.15 44.02
N PRO D 33 -21.15 46.94 45.14
CA PRO D 33 -21.20 45.58 45.72
C PRO D 33 -21.87 44.55 44.81
N GLU D 34 -22.80 44.99 43.96
CA GLU D 34 -23.57 44.07 43.12
C GLU D 34 -22.74 43.41 42.03
N ILE D 35 -21.61 44.00 41.67
CA ILE D 35 -20.75 43.48 40.59
C ILE D 35 -19.86 42.39 41.18
N LYS D 36 -19.86 41.21 40.58
CA LYS D 36 -18.87 40.22 41.00
C LYS D 36 -18.10 39.63 39.83
N LEU D 37 -16.85 39.23 40.16
CA LEU D 37 -15.91 38.65 39.22
C LEU D 37 -16.16 37.16 39.07
N SER D 38 -15.99 36.67 37.84
CA SER D 38 -16.14 35.26 37.57
C SER D 38 -14.99 34.77 36.71
N TRP D 39 -14.53 33.55 37.00
CA TRP D 39 -13.52 32.89 36.21
C TRP D 39 -14.21 31.95 35.23
N TYR D 40 -13.65 31.85 34.03
CA TYR D 40 -14.19 30.98 33.00
C TYR D 40 -13.06 30.22 32.33
N LYS D 41 -13.36 29.02 31.89
CA LYS D 41 -12.49 28.25 31.00
C LYS D 41 -13.33 27.93 29.77
N GLY D 42 -13.10 28.66 28.69
CA GLY D 42 -13.99 28.55 27.54
C GLY D 42 -15.37 29.04 27.92
N THR D 43 -16.37 28.18 27.77
CA THR D 43 -17.73 28.52 28.14
C THR D 43 -18.05 28.23 29.60
N GLU D 44 -17.27 27.38 30.27
CA GLU D 44 -17.58 26.92 31.62
C GLU D 44 -17.18 27.97 32.65
N LYS D 45 -18.14 28.37 33.48
CA LYS D 45 -17.86 29.19 34.67
C LYS D 45 -17.27 28.34 35.79
N LEU D 46 -16.12 28.76 36.31
CA LEU D 46 -15.41 28.00 37.34
C LEU D 46 -15.95 28.28 38.74
N GLU D 47 -16.01 27.23 39.55
CA GLU D 47 -16.42 27.26 40.95
C GLU D 47 -15.34 26.66 41.83
N PRO D 48 -15.24 27.05 43.10
CA PRO D 48 -14.24 26.43 43.97
C PRO D 48 -14.51 24.93 44.01
N SER D 49 -13.47 24.15 43.78
CA SER D 49 -13.64 22.71 43.68
C SER D 49 -12.30 22.04 43.98
N ASP D 50 -12.24 20.74 43.72
CA ASP D 50 -11.01 19.99 43.86
C ASP D 50 -9.97 20.35 42.81
N LYS D 51 -10.39 20.89 41.67
CA LYS D 51 -9.44 21.33 40.65
C LYS D 51 -9.15 22.81 40.73
N PHE D 52 -10.13 23.62 41.13
CA PHE D 52 -10.07 25.07 41.12
C PHE D 52 -10.36 25.61 42.51
N GLU D 53 -9.44 26.40 43.05
CA GLU D 53 -9.66 27.16 44.28
C GLU D 53 -9.72 28.64 43.95
N ILE D 54 -10.81 29.28 44.35
CA ILE D 54 -11.04 30.69 44.05
C ILE D 54 -11.22 31.44 45.35
N SER D 55 -10.43 32.51 45.52
CA SER D 55 -10.43 33.27 46.75
CA SER D 55 -10.43 33.27 46.75
C SER D 55 -10.39 34.76 46.43
N ILE D 56 -10.90 35.55 47.37
CA ILE D 56 -10.89 37.00 47.30
C ILE D 56 -10.26 37.51 48.58
N ASP D 57 -9.29 38.43 48.45
CA ASP D 57 -8.68 39.11 49.59
C ASP D 57 -8.59 40.60 49.28
N GLY D 58 -9.52 41.36 49.81
CA GLY D 58 -9.57 42.78 49.48
C GLY D 58 -9.81 42.91 47.99
N ASP D 59 -8.86 43.56 47.30
CA ASP D 59 -8.96 43.74 45.86
C ASP D 59 -8.35 42.58 45.07
N ARG D 60 -7.76 41.61 45.75
CA ARG D 60 -7.04 40.51 45.11
C ARG D 60 -7.98 39.34 44.86
N HIS D 61 -8.11 38.95 43.60
CA HIS D 61 -8.89 37.77 43.21
C HIS D 61 -7.95 36.73 42.62
N THR D 62 -8.06 35.49 43.09
CA THR D 62 -7.13 34.43 42.75
C THR D 62 -7.89 33.23 42.21
N LEU D 63 -7.47 32.74 41.05
CA LEU D 63 -7.90 31.44 40.54
C LEU D 63 -6.68 30.55 40.54
N ARG D 64 -6.73 29.52 41.38
CA ARG D 64 -5.64 28.58 41.48
C ARG D 64 -6.05 27.25 40.87
N VAL D 65 -5.28 26.80 39.88
CA VAL D 65 -5.49 25.52 39.20
C VAL D 65 -4.56 24.52 39.86
N LYS D 66 -5.09 23.51 40.50
CA LYS D 66 -4.19 22.67 41.24
C LYS D 66 -3.81 21.41 40.47
N ASN D 67 -2.62 20.88 40.77
CA ASN D 67 -2.19 19.59 40.27
C ASN D 67 -2.26 19.58 38.74
N CYS D 68 -1.55 20.54 38.18
CA CYS D 68 -1.71 20.87 36.78
C CYS D 68 -1.23 19.74 35.90
N GLN D 69 -2.06 19.41 34.92
CA GLN D 69 -1.75 18.43 33.90
C GLN D 69 -1.66 19.11 32.54
N LEU D 70 -1.01 18.43 31.59
CA LEU D 70 -0.98 18.96 30.25
C LEU D 70 -2.38 19.14 29.69
N LYS D 71 -3.30 18.28 30.10
CA LYS D 71 -4.68 18.42 29.63
C LYS D 71 -5.38 19.64 30.23
N ASP D 72 -4.81 20.28 31.24
CA ASP D 72 -5.36 21.52 31.76
C ASP D 72 -4.90 22.74 30.96
N GLN D 73 -3.96 22.58 30.05
CA GLN D 73 -3.42 23.74 29.35
C GLN D 73 -4.50 24.43 28.52
N GLY D 74 -4.38 25.73 28.38
CA GLY D 74 -5.28 26.49 27.57
C GLY D 74 -5.51 27.87 28.16
N ASN D 75 -6.59 28.49 27.72
CA ASN D 75 -6.88 29.85 28.12
C ASN D 75 -7.78 29.88 29.35
N TYR D 76 -7.43 30.76 30.29
CA TYR D 76 -8.25 31.03 31.46
C TYR D 76 -8.59 32.52 31.44
N ARG D 77 -9.84 32.85 31.77
CA ARG D 77 -10.31 34.21 31.55
C ARG D 77 -11.24 34.60 32.67
N LEU D 78 -11.56 35.89 32.70
CA LEU D 78 -12.43 36.42 33.72
C LEU D 78 -13.33 37.49 33.12
N VAL D 79 -14.45 37.70 33.78
CA VAL D 79 -15.33 38.83 33.52
C VAL D 79 -15.63 39.48 34.87
N CYS D 80 -15.41 40.79 34.96
CA CYS D 80 -15.66 41.56 36.18
C CYS D 80 -16.25 42.89 35.74
N GLY D 81 -17.58 42.96 35.72
CA GLY D 81 -18.27 44.11 35.20
C GLY D 81 -17.85 44.40 33.77
N PRO D 82 -17.38 45.62 33.53
CA PRO D 82 -16.93 45.97 32.18
C PRO D 82 -15.56 45.42 31.81
N HIS D 83 -14.76 44.99 32.78
CA HIS D 83 -13.41 44.53 32.49
C HIS D 83 -13.42 43.04 32.18
N ILE D 84 -12.74 42.67 31.10
CA ILE D 84 -12.54 41.28 30.75
C ILE D 84 -11.04 41.08 30.53
N ALA D 85 -10.59 39.85 30.75
CA ALA D 85 -9.18 39.52 30.63
C ALA D 85 -9.05 38.02 30.44
N SER D 86 -8.02 37.61 29.71
CA SER D 86 -7.71 36.20 29.52
C SER D 86 -6.21 35.97 29.72
N ALA D 87 -5.86 34.73 30.06
CA ALA D 87 -4.47 34.34 30.26
C ALA D 87 -4.31 32.87 29.94
N LYS D 88 -3.07 32.48 29.69
CA LYS D 88 -2.76 31.15 29.18
C LYS D 88 -1.99 30.35 30.22
N LEU D 89 -2.36 29.07 30.37
CA LEU D 89 -1.64 28.14 31.23
C LEU D 89 -0.81 27.19 30.38
N THR D 90 0.50 27.18 30.61
CA THR D 90 1.42 26.22 30.01
C THR D 90 1.92 25.31 31.11
N VAL D 91 1.93 24.00 30.83
CA VAL D 91 2.33 22.97 31.78
C VAL D 91 3.41 22.09 31.15
N ILE D 92 4.49 21.85 31.90
CA ILE D 92 5.66 21.11 31.44
C ILE D 92 5.68 19.72 32.07
N GLU D 93 5.70 18.66 31.23
CA GLU D 93 5.88 17.32 31.80
C GLU D 93 7.38 16.96 31.84
N PRO D 94 7.89 16.46 32.95
CA PRO D 94 9.28 15.97 32.96
C PRO D 94 9.44 14.85 31.94
N ALA D 95 10.42 15.01 31.04
CA ALA D 95 10.69 14.05 29.98
C ALA D 95 12.04 14.35 29.38
N TRP D 96 12.62 13.33 28.76
CA TRP D 96 13.86 13.51 28.00
C TRP D 96 13.52 14.10 26.63
N GLU D 97 13.96 15.34 26.40
CA GLU D 97 13.72 16.01 25.12
C GLU D 97 14.70 15.55 24.04
N ARG D 98 15.97 15.38 24.39
CA ARG D 98 16.97 14.84 23.48
C ARG D 98 17.61 13.63 24.14
N HIS D 99 17.69 12.53 23.41
CA HIS D 99 18.13 11.27 23.98
C HIS D 99 19.62 11.07 23.78
N LEU D 100 20.22 10.29 24.67
CA LEU D 100 21.59 9.82 24.46
C LEU D 100 21.70 9.14 23.11
N GLN D 101 22.78 9.40 22.38
CA GLN D 101 23.02 8.79 21.09
C GLN D 101 24.25 7.89 21.16
N ASP D 102 24.25 6.83 20.35
CA ASP D 102 25.42 5.96 20.28
C ASP D 102 26.65 6.76 19.85
N VAL D 103 27.80 6.36 20.38
CA VAL D 103 29.07 6.99 20.04
C VAL D 103 30.13 5.92 19.82
N THR D 104 30.96 6.13 18.81
CA THR D 104 32.12 5.29 18.55
C THR D 104 33.36 6.17 18.54
N LEU D 105 34.37 5.80 19.32
CA LEU D 105 35.60 6.57 19.36
C LEU D 105 36.80 5.64 19.34
N LYS D 106 37.94 6.21 18.97
CA LYS D 106 39.22 5.55 19.07
C LYS D 106 39.78 5.70 20.47
N GLU D 107 40.52 4.69 20.91
CA GLU D 107 41.17 4.75 22.21
C GLU D 107 41.97 6.05 22.32
N GLY D 108 41.95 6.67 23.51
CA GLY D 108 42.66 7.92 23.73
C GLY D 108 41.85 9.18 23.52
N GLN D 109 40.75 9.12 22.76
CA GLN D 109 39.92 10.29 22.54
C GLN D 109 39.13 10.63 23.81
N THR D 110 38.56 11.83 23.84
CA THR D 110 37.65 12.21 24.92
C THR D 110 36.20 11.91 24.52
N CYS D 111 35.47 11.20 25.39
CA CYS D 111 34.06 10.92 25.14
C CYS D 111 33.19 11.97 25.81
N THR D 112 32.25 12.53 25.04
CA THR D 112 31.24 13.45 25.60
C THR D 112 29.88 12.98 25.11
N MET D 113 29.03 12.59 26.05
CA MET D 113 27.67 12.17 25.75
C MET D 113 26.71 13.07 26.49
N THR D 114 25.74 13.61 25.77
CA THR D 114 24.79 14.53 26.36
C THR D 114 23.38 14.09 26.05
N CYS D 115 22.47 14.46 26.94
CA CYS D 115 21.05 14.33 26.72
C CYS D 115 20.40 15.59 27.29
N GLN D 116 19.13 15.81 26.95
CA GLN D 116 18.46 17.05 27.32
C GLN D 116 17.14 16.75 28.01
N PHE D 117 16.97 17.23 29.22
CA PHE D 117 15.74 17.05 29.96
C PHE D 117 14.84 18.27 29.78
N SER D 118 13.53 18.06 29.86
CA SER D 118 12.60 19.16 29.64
C SER D 118 12.54 20.12 30.80
N VAL D 119 13.07 19.73 31.98
CA VAL D 119 13.04 20.54 33.16
C VAL D 119 14.52 20.86 33.53
N PRO D 120 14.89 22.12 33.66
CA PRO D 120 16.30 22.43 33.95
C PRO D 120 16.65 22.16 35.40
N ASN D 121 17.95 21.90 35.62
CA ASN D 121 18.55 21.86 36.96
C ASN D 121 18.05 20.70 37.85
N VAL D 122 17.52 19.61 37.26
CA VAL D 122 17.11 18.45 38.04
C VAL D 122 18.32 17.58 38.29
N LYS D 123 18.27 16.72 39.30
CA LYS D 123 19.44 15.90 39.54
C LYS D 123 19.17 14.52 38.96
N SER D 124 20.16 13.93 38.30
CA SER D 124 20.00 12.66 37.60
C SER D 124 21.11 11.69 37.99
N GLU D 125 20.92 10.41 37.63
CA GLU D 125 21.88 9.35 37.91
C GLU D 125 22.37 8.75 36.60
N TRP D 126 23.68 8.52 36.50
CA TRP D 126 24.27 7.89 35.32
C TRP D 126 24.70 6.47 35.65
N PHE D 127 24.62 5.61 34.66
CA PHE D 127 24.93 4.19 34.81
C PHE D 127 25.81 3.73 33.67
N ARG D 128 26.76 2.86 33.97
CA ARG D 128 27.50 2.09 32.97
C ARG D 128 27.14 0.63 33.15
N ASN D 129 26.65 0.01 32.08
CA ASN D 129 26.25 -1.39 32.14
C ASN D 129 25.40 -1.66 33.36
N GLY D 130 24.51 -0.71 33.67
CA GLY D 130 23.58 -0.88 34.75
C GLY D 130 24.06 -0.55 36.15
N ARG D 131 25.34 -0.33 36.41
CA ARG D 131 25.71 0.09 37.75
C ARG D 131 25.95 1.58 37.78
N ILE D 132 25.69 2.15 38.96
CA ILE D 132 25.78 3.58 39.10
C ILE D 132 27.19 4.04 38.79
N LEU D 133 27.27 5.18 38.13
CA LEU D 133 28.50 5.87 37.82
C LEU D 133 28.64 6.98 38.86
N LYS D 134 29.81 7.11 39.40
CA LYS D 134 30.12 8.24 40.27
C LYS D 134 30.71 9.35 39.43
N PRO D 135 30.64 10.60 39.86
CA PRO D 135 31.58 11.53 39.24
C PRO D 135 32.98 11.07 39.67
N GLN D 136 33.36 9.92 39.11
CA GLN D 136 34.60 9.24 39.33
C GLN D 136 35.65 9.98 38.53
N GLY D 137 36.88 9.87 39.01
CA GLY D 137 38.02 10.32 38.21
C GLY D 137 37.80 10.37 36.71
N ARG D 138 37.77 9.22 36.06
CA ARG D 138 37.69 9.32 34.63
C ARG D 138 36.28 9.65 34.15
N HIS D 139 35.24 9.16 34.85
CA HIS D 139 33.87 9.43 34.46
C HIS D 139 33.37 10.65 35.22
N LYS D 140 32.96 11.69 34.49
CA LYS D 140 32.53 12.93 35.12
C LYS D 140 31.20 13.35 34.52
N THR D 141 30.28 13.74 35.40
CA THR D 141 28.93 14.09 34.98
C THR D 141 28.60 15.51 35.43
N GLU D 142 27.85 16.23 34.60
CA GLU D 142 27.48 17.61 34.90
C GLU D 142 26.04 17.86 34.46
N VAL D 143 25.44 18.89 35.05
CA VAL D 143 24.12 19.38 34.69
C VAL D 143 24.24 20.88 34.46
N GLU D 144 23.90 21.33 33.26
CA GLU D 144 23.87 22.77 32.99
C GLU D 144 22.52 23.05 32.35
N HIS D 145 21.58 23.48 33.18
CA HIS D 145 20.20 23.72 32.77
C HIS D 145 19.55 22.45 32.29
N LYS D 146 19.22 22.39 31.01
CA LYS D 146 18.53 21.21 30.51
C LYS D 146 19.49 20.11 30.08
N VAL D 147 20.76 20.43 29.93
CA VAL D 147 21.71 19.50 29.33
C VAL D 147 22.38 18.68 30.43
N HIS D 148 22.31 17.36 30.29
CA HIS D 148 23.01 16.43 31.16
C HIS D 148 24.16 15.83 30.38
N LYS D 149 25.35 15.90 30.95
CA LYS D 149 26.56 15.64 30.19
C LYS D 149 27.47 14.71 30.98
N LEU D 150 27.90 13.63 30.34
CA LEU D 150 28.89 12.73 30.89
C LEU D 150 30.16 12.85 30.07
N THR D 151 31.29 13.01 30.76
CA THR D 151 32.59 13.13 30.13
C THR D 151 33.49 12.00 30.61
N ILE D 152 34.13 11.31 29.67
CA ILE D 152 35.14 10.29 29.97
C ILE D 152 36.41 10.71 29.25
N ALA D 153 37.45 11.05 30.01
CA ALA D 153 38.72 11.39 29.39
C ALA D 153 39.50 10.12 29.01
N ASP D 154 40.28 10.25 27.93
CA ASP D 154 41.27 9.23 27.55
C ASP D 154 40.67 7.83 27.52
N VAL D 155 39.71 7.65 26.62
CA VAL D 155 38.91 6.42 26.63
C VAL D 155 39.76 5.20 26.30
N ARG D 156 39.42 4.09 26.92
CA ARG D 156 40.07 2.83 26.66
C ARG D 156 38.99 1.82 26.32
N ALA D 157 39.42 0.68 25.79
CA ALA D 157 38.47 -0.35 25.38
C ALA D 157 37.54 -0.72 26.51
N GLU D 158 38.03 -0.68 27.76
CA GLU D 158 37.21 -1.04 28.92
C GLU D 158 36.04 -0.09 29.13
N ASP D 159 36.07 1.10 28.53
CA ASP D 159 34.93 1.99 28.69
C ASP D 159 33.76 1.61 27.78
N GLN D 160 33.97 0.74 26.80
CA GLN D 160 32.88 0.34 25.92
C GLN D 160 31.75 -0.28 26.72
N GLY D 161 30.52 0.11 26.39
CA GLY D 161 29.38 -0.43 27.09
C GLY D 161 28.18 0.51 27.00
N GLN D 162 27.17 0.18 27.79
CA GLN D 162 25.89 0.87 27.78
C GLN D 162 25.89 1.95 28.85
N TYR D 163 25.58 3.17 28.46
CA TYR D 163 25.51 4.31 29.37
C TYR D 163 24.09 4.83 29.42
N THR D 164 23.58 5.03 30.63
CA THR D 164 22.19 5.37 30.84
C THR D 164 22.12 6.56 31.76
N CYS D 165 21.27 7.54 31.42
CA CYS D 165 20.99 8.67 32.31
C CYS D 165 19.53 8.60 32.72
N LYS D 166 19.28 8.71 34.03
CA LYS D 166 17.96 8.42 34.58
C LYS D 166 17.52 9.52 35.55
N TYR D 167 16.28 9.98 35.38
CA TYR D 167 15.60 10.84 36.35
C TYR D 167 14.32 10.14 36.80
N GLU D 168 14.21 9.91 38.10
CA GLU D 168 13.11 9.11 38.64
C GLU D 168 13.05 7.77 37.91
N ASP D 169 11.99 7.58 37.11
CA ASP D 169 11.79 6.35 36.35
C ASP D 169 11.94 6.57 34.85
N LEU D 170 12.51 7.69 34.42
CA LEU D 170 12.66 8.03 33.02
C LEU D 170 14.11 7.83 32.62
N GLU D 171 14.35 6.89 31.71
CA GLU D 171 15.70 6.56 31.24
C GLU D 171 15.88 7.00 29.79
N THR D 172 17.10 7.43 29.49
CA THR D 172 17.60 7.49 28.12
C THR D 172 18.95 6.78 28.13
N SER D 173 19.29 6.10 27.04
CA SER D 173 20.41 5.18 27.11
C SER D 173 21.01 4.99 25.73
N ALA D 174 22.31 4.69 25.68
CA ALA D 174 22.99 4.48 24.40
C ALA D 174 24.29 3.71 24.61
N GLU D 175 24.90 3.29 23.52
CA GLU D 175 26.11 2.49 23.56
C GLU D 175 27.31 3.33 23.16
N LEU D 176 28.35 3.26 23.97
CA LEU D 176 29.67 3.78 23.63
C LEU D 176 30.53 2.63 23.15
N ARG D 177 31.06 2.76 21.93
CA ARG D 177 31.95 1.73 21.40
C ARG D 177 33.33 2.34 21.21
N ILE D 178 34.35 1.58 21.60
CA ILE D 178 35.72 2.06 21.60
C ILE D 178 36.55 1.16 20.69
N GLU D 179 37.27 1.76 19.75
CA GLU D 179 38.23 1.05 18.91
C GLU D 179 39.61 1.09 19.56
N ALA D 180 40.06 -0.06 20.07
CA ALA D 180 41.34 -0.09 20.75
C ALA D 180 42.45 0.19 19.74
N GLU D 181 43.55 0.76 20.23
CA GLU D 181 44.67 1.03 19.34
C GLU D 181 45.17 -0.30 18.79
N PRO D 182 45.28 -0.46 17.48
CA PRO D 182 45.72 -1.76 16.95
C PRO D 182 47.18 -2.02 17.24
N ILE D 183 47.48 -3.31 17.41
CA ILE D 183 48.86 -3.73 17.61
C ILE D 183 49.65 -3.50 16.32
N GLN D 184 50.91 -3.12 16.45
CA GLN D 184 51.77 -2.95 15.30
C GLN D 184 53.18 -3.42 15.65
N PHE D 185 53.98 -3.62 14.61
CA PHE D 185 55.39 -3.94 14.82
C PHE D 185 56.17 -2.64 15.01
N THR D 186 56.74 -2.45 16.20
CA THR D 186 57.67 -1.35 16.41
C THR D 186 59.03 -1.64 15.81
N LYS D 187 59.31 -2.90 15.48
CA LYS D 187 60.55 -3.29 14.81
C LYS D 187 60.23 -4.49 13.91
N ARG D 188 60.30 -4.28 12.60
CA ARG D 188 59.97 -5.33 11.65
C ARG D 188 61.11 -6.34 11.52
N ILE D 189 60.75 -7.56 11.10
CA ILE D 189 61.78 -8.53 10.74
C ILE D 189 62.47 -8.06 9.48
N GLN D 190 63.75 -8.42 9.34
CA GLN D 190 64.58 -7.91 8.27
C GLN D 190 65.21 -9.07 7.51
N ASN D 191 65.64 -8.77 6.29
CA ASN D 191 66.26 -9.76 5.42
C ASN D 191 67.47 -10.39 6.11
N ILE D 192 67.78 -11.63 5.71
CA ILE D 192 68.87 -12.41 6.27
C ILE D 192 69.63 -13.06 5.12
N VAL D 193 70.96 -13.01 5.19
CA VAL D 193 71.81 -13.83 4.35
C VAL D 193 72.70 -14.63 5.28
N VAL D 194 72.73 -15.95 5.05
CA VAL D 194 73.52 -16.84 5.88
C VAL D 194 74.30 -17.76 4.95
N SER D 195 75.36 -18.36 5.48
CA SER D 195 76.08 -19.36 4.72
C SER D 195 75.45 -20.73 4.97
N GLU D 196 75.57 -21.59 3.96
CA GLU D 196 74.89 -22.88 4.02
C GLU D 196 75.31 -23.65 5.27
N HIS D 197 74.33 -24.18 6.00
CA HIS D 197 74.43 -24.95 7.23
C HIS D 197 74.63 -24.06 8.46
N GLN D 198 74.87 -22.77 8.30
CA GLN D 198 74.79 -21.87 9.44
C GLN D 198 73.32 -21.67 9.81
N SER D 199 73.10 -21.10 10.99
CA SER D 199 71.76 -20.74 11.46
C SER D 199 71.38 -19.32 11.03
N ALA D 200 70.07 -19.07 10.98
CA ALA D 200 69.50 -17.76 10.63
C ALA D 200 68.39 -17.40 11.61
N THR D 201 68.44 -16.18 12.16
CA THR D 201 67.53 -15.73 13.21
C THR D 201 66.78 -14.48 12.77
N PHE D 202 65.46 -14.60 12.61
CA PHE D 202 64.61 -13.44 12.48
C PHE D 202 64.24 -12.90 13.86
N GLU D 203 64.15 -11.57 13.97
CA GLU D 203 63.77 -10.93 15.23
C GLU D 203 62.87 -9.72 14.96
N CYS D 204 61.93 -9.49 15.87
CA CYS D 204 60.98 -8.39 15.75
C CYS D 204 60.49 -7.98 17.13
N GLU D 205 59.75 -6.86 17.15
CA GLU D 205 59.15 -6.27 18.34
C GLU D 205 57.78 -5.70 18.00
N VAL D 206 56.81 -5.92 18.88
CA VAL D 206 55.46 -5.40 18.72
C VAL D 206 55.17 -4.39 19.82
N SER D 207 54.05 -3.68 19.67
CA SER D 207 53.72 -2.54 20.52
C SER D 207 53.04 -2.92 21.85
N PHE D 208 52.66 -4.18 22.04
CA PHE D 208 52.00 -4.60 23.27
C PHE D 208 52.57 -5.93 23.73
N ASP D 209 52.50 -6.15 25.03
CA ASP D 209 52.92 -7.40 25.63
C ASP D 209 51.88 -8.49 25.41
N ASP D 210 52.34 -9.73 25.51
CA ASP D 210 51.45 -10.90 25.54
C ASP D 210 50.65 -11.06 24.25
N ALA D 211 51.22 -10.63 23.14
CA ALA D 211 50.64 -10.95 21.85
C ALA D 211 50.91 -12.41 21.53
N ILE D 212 49.97 -13.02 20.83
CA ILE D 212 50.18 -14.37 20.35
C ILE D 212 50.81 -14.25 18.97
N VAL D 213 51.95 -14.90 18.80
CA VAL D 213 52.74 -14.75 17.58
C VAL D 213 52.76 -16.07 16.83
N THR D 214 52.69 -16.00 15.51
CA THR D 214 52.77 -17.18 14.65
C THR D 214 53.73 -16.89 13.53
N TRP D 215 54.63 -17.82 13.23
CA TRP D 215 55.63 -17.64 12.18
C TRP D 215 55.33 -18.52 10.97
N TYR D 216 55.67 -18.02 9.77
CA TYR D 216 55.36 -18.70 8.52
C TYR D 216 56.52 -18.71 7.53
N LYS D 217 56.61 -19.84 6.82
CA LYS D 217 57.34 -20.12 5.57
C LYS D 217 56.28 -20.06 4.48
N GLY D 218 56.15 -18.95 3.77
CA GLY D 218 55.01 -18.86 2.88
C GLY D 218 53.73 -19.15 3.64
N PRO D 219 52.94 -20.14 3.20
CA PRO D 219 51.67 -20.45 3.88
C PRO D 219 51.72 -21.46 5.03
N THR D 220 52.87 -22.05 5.36
CA THR D 220 52.92 -23.14 6.32
C THR D 220 53.35 -22.60 7.69
N GLU D 221 52.54 -22.88 8.70
CA GLU D 221 52.86 -22.47 10.06
C GLU D 221 54.05 -23.25 10.59
N LEU D 222 54.98 -22.55 11.24
CA LEU D 222 56.12 -23.21 11.86
C LEU D 222 55.85 -23.49 13.33
N THR D 223 56.21 -24.68 13.76
CA THR D 223 56.10 -25.12 15.14
C THR D 223 57.49 -25.45 15.69
N GLU D 224 57.59 -25.39 17.02
CA GLU D 224 58.83 -25.71 17.71
C GLU D 224 59.33 -27.10 17.35
N SER D 225 60.60 -27.19 16.99
CA SER D 225 61.22 -28.44 16.59
C SER D 225 62.73 -28.29 16.69
N GLN D 226 63.46 -29.34 16.31
CA GLN D 226 64.91 -29.21 16.20
C GLN D 226 65.30 -28.20 15.13
N LYS D 227 64.49 -28.06 14.07
CA LYS D 227 64.84 -27.12 13.01
C LYS D 227 64.45 -25.69 13.36
N TYR D 228 63.29 -25.50 14.00
CA TYR D 228 62.79 -24.16 14.34
C TYR D 228 62.66 -24.04 15.85
N ASN D 229 63.37 -23.08 16.44
CA ASN D 229 63.26 -22.78 17.86
C ASN D 229 62.62 -21.42 18.02
N PHE D 230 61.74 -21.28 18.99
CA PHE D 230 61.00 -20.05 19.13
C PHE D 230 61.25 -19.45 20.49
N ARG D 231 61.49 -18.15 20.46
CA ARG D 231 61.73 -17.32 21.62
C ARG D 231 60.77 -16.15 21.63
N ASN D 232 60.31 -15.86 22.81
CA ASN D 232 59.36 -14.85 23.24
C ASN D 232 60.10 -13.98 24.24
N ASP D 233 60.07 -12.67 24.06
CA ASP D 233 60.83 -11.82 24.99
C ASP D 233 60.09 -10.48 25.19
N GLY D 234 59.17 -10.49 26.14
CA GLY D 234 58.38 -9.31 26.41
C GLY D 234 57.60 -8.97 25.17
N ARG D 235 58.04 -7.89 24.52
CA ARG D 235 57.51 -7.46 23.24
C ARG D 235 58.36 -7.90 22.06
N CYS D 236 59.51 -8.54 22.31
CA CYS D 236 60.39 -9.05 21.27
C CYS D 236 60.08 -10.52 21.00
N HIS D 237 60.26 -10.94 19.75
CA HIS D 237 59.98 -12.33 19.36
C HIS D 237 60.98 -12.80 18.32
N TYR D 238 61.32 -14.09 18.38
CA TYR D 238 62.36 -14.65 17.53
C TYR D 238 62.02 -16.04 17.02
N MET D 239 62.54 -16.33 15.83
CA MET D 239 62.55 -17.68 15.26
C MET D 239 63.95 -17.92 14.73
N THR D 240 64.52 -19.06 15.09
CA THR D 240 65.83 -19.49 14.62
C THR D 240 65.66 -20.70 13.71
N ILE D 241 66.25 -20.66 12.52
CA ILE D 241 66.28 -21.79 11.59
C ILE D 241 67.69 -22.38 11.59
N HIS D 242 67.82 -23.63 12.05
CA HIS D 242 69.11 -24.31 12.06
C HIS D 242 69.41 -24.88 10.69
N ASN D 243 70.70 -25.02 10.40
CA ASN D 243 71.17 -25.72 9.21
C ASN D 243 70.42 -25.26 7.96
N VAL D 244 70.63 -23.99 7.62
CA VAL D 244 69.89 -23.42 6.51
C VAL D 244 70.42 -24.03 5.21
N THR D 245 69.51 -24.59 4.43
CA THR D 245 69.85 -25.23 3.17
C THR D 245 69.00 -24.58 2.07
N PRO D 246 69.28 -24.84 0.79
CA PRO D 246 68.48 -24.19 -0.26
C PRO D 246 66.97 -24.37 -0.10
N ASP D 247 66.52 -25.46 0.51
CA ASP D 247 65.09 -25.62 0.78
C ASP D 247 64.55 -24.55 1.72
N ASP D 248 65.42 -23.93 2.54
CA ASP D 248 64.98 -22.91 3.49
C ASP D 248 64.89 -21.52 2.87
N GLU D 249 65.41 -21.30 1.67
CA GLU D 249 65.38 -19.96 1.10
C GLU D 249 63.96 -19.59 0.68
N GLY D 250 63.65 -18.31 0.79
CA GLY D 250 62.40 -17.75 0.32
C GLY D 250 61.79 -16.83 1.36
N VAL D 251 60.52 -16.51 1.13
CA VAL D 251 59.83 -15.48 1.90
C VAL D 251 59.34 -16.07 3.22
N TYR D 252 59.51 -15.32 4.29
CA TYR D 252 59.01 -15.66 5.62
C TYR D 252 58.09 -14.55 6.14
N SER D 253 57.19 -14.93 7.05
CA SER D 253 56.24 -14.00 7.68
C SER D 253 56.10 -14.29 9.16
N VAL D 254 55.71 -13.26 9.91
CA VAL D 254 55.31 -13.40 11.31
C VAL D 254 54.03 -12.60 11.54
N ILE D 255 53.06 -13.18 12.23
CA ILE D 255 51.78 -12.54 12.51
C ILE D 255 51.62 -12.39 14.02
N ALA D 256 51.38 -11.17 14.48
CA ALA D 256 51.16 -10.89 15.89
C ALA D 256 49.71 -10.56 16.12
N ARG D 257 49.08 -11.27 17.05
CA ARG D 257 47.65 -11.16 17.31
C ARG D 257 47.43 -10.82 18.77
N LEU D 258 46.56 -9.84 19.03
CA LEU D 258 46.21 -9.47 20.40
C LEU D 258 44.83 -8.86 20.41
N GLU D 259 43.89 -9.55 21.05
CA GLU D 259 42.52 -9.04 21.19
C GLU D 259 42.50 -7.89 22.19
N PRO D 260 41.71 -6.82 21.94
CA PRO D 260 40.90 -6.45 20.78
C PRO D 260 41.61 -5.43 19.89
N ARG D 261 42.90 -5.67 19.61
CA ARG D 261 43.71 -4.75 18.83
C ARG D 261 44.04 -5.31 17.45
N GLY D 262 43.29 -6.31 16.99
CA GLY D 262 43.52 -6.81 15.67
C GLY D 262 44.80 -7.63 15.58
N GLU D 263 45.46 -7.53 14.43
CA GLU D 263 46.68 -8.30 14.21
C GLU D 263 47.51 -7.58 13.17
N ALA D 264 48.80 -7.89 13.18
CA ALA D 264 49.76 -7.25 12.28
C ALA D 264 50.71 -8.32 11.77
N ARG D 265 51.31 -8.03 10.61
CA ARG D 265 52.18 -8.99 9.94
C ARG D 265 53.47 -8.32 9.52
N SER D 266 54.58 -9.06 9.62
CA SER D 266 55.87 -8.61 9.15
C SER D 266 56.47 -9.68 8.25
N THR D 267 57.08 -9.24 7.15
CA THR D 267 57.58 -10.15 6.11
C THR D 267 59.01 -9.78 5.73
N ALA D 268 59.83 -10.79 5.48
CA ALA D 268 61.20 -10.60 4.99
C ALA D 268 61.61 -11.85 4.23
N GLU D 269 62.83 -11.83 3.69
CA GLU D 269 63.32 -12.89 2.82
C GLU D 269 64.65 -13.46 3.34
N LEU D 270 64.84 -14.75 3.11
CA LEU D 270 66.06 -15.47 3.50
C LEU D 270 66.85 -15.87 2.26
N TYR D 271 68.14 -15.53 2.22
CA TYR D 271 69.01 -15.85 1.10
C TYR D 271 70.24 -16.60 1.58
N LEU D 272 70.78 -17.46 0.72
CA LEU D 272 72.07 -18.10 0.98
C LEU D 272 73.17 -17.44 0.16
N THR D 273 74.40 -17.48 0.70
CA THR D 273 75.65 -17.09 0.04
C THR D 273 76.83 -17.22 0.99
C1 EDO E . -11.13 -1.70 8.84
O1 EDO E . -12.25 -2.57 8.92
C2 EDO E . -11.61 -0.26 8.63
O2 EDO E . -11.20 0.53 9.75
C1 EDO F . -13.91 -34.10 -18.15
O1 EDO F . -13.86 -34.60 -16.82
C2 EDO F . -13.99 -35.29 -19.10
O2 EDO F . -12.81 -36.07 -18.90
C1 EDO G . -6.87 36.23 -50.44
O1 EDO G . -8.27 36.11 -50.77
C2 EDO G . -6.34 37.61 -50.84
O2 EDO G . -4.93 37.78 -50.56
C1 EDO H . -5.03 5.14 0.50
O1 EDO H . -4.08 4.57 1.41
C2 EDO H . -5.69 4.02 -0.29
O2 EDO H . -6.56 3.25 0.55
C1 EDO I . -3.53 8.86 -0.33
O1 EDO I . -3.24 7.53 -0.76
C2 EDO I . -4.99 8.97 0.11
O2 EDO I . -5.32 10.33 0.42
C1 EDO J . 15.91 8.92 -7.87
O1 EDO J . 15.41 9.30 -9.17
C2 EDO J . 15.25 9.73 -6.76
O2 EDO J . 13.85 9.41 -6.71
C1 EDO K . -47.68 -37.26 -47.38
O1 EDO K . -48.72 -37.72 -48.26
C2 EDO K . -47.93 -35.84 -46.88
O2 EDO K . -48.95 -35.79 -45.87
S SO4 L . -35.53 -36.90 -63.37
O1 SO4 L . -34.97 -36.33 -62.15
O2 SO4 L . -35.37 -38.35 -63.38
O3 SO4 L . -34.84 -36.34 -64.53
O4 SO4 L . -36.94 -36.55 -63.43
S SO4 M . -21.56 -37.25 -32.21
O1 SO4 M . -20.38 -36.67 -31.58
O2 SO4 M . -22.45 -37.75 -31.16
O3 SO4 M . -22.27 -36.25 -33.01
O4 SO4 M . -21.16 -38.34 -33.09
S SO4 N . 24.25 -16.13 -13.80
O1 SO4 N . 24.06 -16.54 -12.41
O2 SO4 N . 23.36 -15.02 -14.12
O3 SO4 N . 25.64 -15.74 -14.02
O4 SO4 N . 23.94 -17.27 -14.67
S SO4 O . 16.43 -17.86 -13.79
O1 SO4 O . 15.24 -17.26 -13.20
O2 SO4 O . 16.79 -19.03 -12.98
O3 SO4 O . 17.56 -16.93 -13.77
O4 SO4 O . 16.07 -18.19 -15.17
S SO4 P . 12.12 -26.04 -32.45
O1 SO4 P . 12.81 -25.44 -31.30
O2 SO4 P . 11.09 -26.95 -31.96
O3 SO4 P . 11.49 -24.98 -33.23
O4 SO4 P . 13.09 -26.76 -33.25
S SO4 Q . -0.56 -31.90 -30.45
O1 SO4 Q . -0.02 -32.85 -29.48
O2 SO4 Q . -1.86 -31.41 -30.01
O3 SO4 Q . 0.37 -30.78 -30.59
O4 SO4 Q . -0.72 -32.57 -31.74
C1 EDO R . -21.24 -54.60 -44.91
O1 EDO R . -21.33 -54.42 -43.48
C2 EDO R . -20.12 -53.73 -45.47
O2 EDO R . -18.88 -54.43 -45.41
C1 EDO S . 7.06 -36.36 -31.54
O1 EDO S . 7.14 -37.08 -30.30
C2 EDO S . 5.72 -35.64 -31.70
O2 EDO S . 5.83 -34.24 -31.43
C1 EDO T . 6.66 -25.35 -30.28
O1 EDO T . 8.04 -25.10 -29.99
C2 EDO T . 6.17 -24.23 -31.18
O2 EDO T . 4.78 -24.35 -31.46
C1 EDO U . 43.62 6.66 -40.55
O1 EDO U . 44.07 7.78 -39.76
C2 EDO U . 44.53 6.56 -41.77
O2 EDO U . 45.86 6.93 -41.39
C1 EDO V . 43.44 13.50 -13.18
O1 EDO V . 43.45 12.88 -11.89
C2 EDO V . 44.48 12.86 -14.08
O2 EDO V . 44.44 13.47 -15.38
C1 EDO W . 6.67 -15.00 29.36
O1 EDO W . 7.06 -13.91 30.20
C2 EDO W . 6.88 -16.30 30.12
O2 EDO W . 6.39 -16.09 31.45
C1 EDO X . -21.37 16.07 18.73
O1 EDO X . -22.38 16.17 17.71
C2 EDO X . -22.08 16.15 20.06
O2 EDO X . -22.97 17.28 20.05
S SO4 Y . -15.91 24.71 26.14
O1 SO4 Y . -14.91 23.80 26.69
O2 SO4 Y . -16.93 24.97 27.16
O3 SO4 Y . -15.28 25.97 25.77
O4 SO4 Y . -16.54 24.11 24.98
S SO4 Z . -33.26 39.97 -0.82
O1 SO4 Z . -32.08 40.60 -0.22
O2 SO4 Z . -34.03 39.33 0.23
O3 SO4 Z . -34.07 41.00 -1.48
O4 SO4 Z . -32.84 38.98 -1.80
C1 EDO AA . -17.84 7.25 5.79
O1 EDO AA . -16.44 7.59 5.81
C2 EDO AA . -18.50 7.60 7.13
O2 EDO AA . -18.10 6.68 8.17
C1 GOL BA . 34.48 -13.70 21.07
O1 GOL BA . 33.25 -13.33 21.72
C2 GOL BA . 34.57 -13.06 19.61
O2 GOL BA . 34.40 -11.66 19.51
C3 GOL BA . 33.62 -13.87 18.70
O3 GOL BA . 34.39 -14.35 17.65
C1 EDO CA . 33.37 1.61 12.69
O1 EDO CA . 32.05 2.10 12.37
C2 EDO CA . 33.33 0.19 13.27
O2 EDO CA . 33.94 0.22 14.58
S SO4 DA . 31.87 -4.97 32.05
O1 SO4 DA . 33.01 -4.31 32.66
O2 SO4 DA . 30.70 -4.77 32.91
O3 SO4 DA . 32.13 -6.40 31.89
O4 SO4 DA . 31.62 -4.38 30.74
S SO4 EA . -14.59 10.92 55.44
O1 SO4 EA . -15.57 11.92 55.89
O2 SO4 EA . -14.23 10.06 56.56
O3 SO4 EA . -13.41 11.61 54.93
O4 SO4 EA . -15.18 10.11 54.38
C1 EDO FA . 33.88 5.81 13.97
O1 EDO FA . 33.46 4.79 13.04
C2 EDO FA . 35.38 5.67 14.28
O2 EDO FA . 35.79 6.75 15.10
C1 EDO GA . 19.57 10.13 47.93
O1 EDO GA . 19.98 8.77 47.68
C2 EDO GA . 20.53 10.87 48.86
O2 EDO GA . 21.55 11.57 48.10
C1 EDO HA . -14.63 6.85 50.26
O1 EDO HA . -14.60 6.66 51.69
C2 EDO HA . -14.17 8.27 49.91
O2 EDO HA . -14.74 9.22 50.82
#